data_8XIP
#
_entry.id   8XIP
#
loop_
_entity.id
_entity.type
_entity.pdbx_description
1 polymer 'Somatostatin receptor type 1'
2 polymer 'G-alpha i'
3 polymer 'Guanine nucleotide-binding protein G(I)/G(S)/G(T) subunit beta-1'
4 polymer 'nanobody Nb35'
5 polymer 'Guanine nucleotide-binding protein G(I)/G(S)/G(O) subunit gamma-2'
6 polymer 004-DTR-LYS-TY5-PHE-A1D5E
#
loop_
_entity_poly.entity_id
_entity_poly.type
_entity_poly.pdbx_seq_one_letter_code
_entity_poly.pdbx_strand_id
1 'polypeptide(L)'
;MFPNGTASSPSSSPSPSPGSCGEGGGSRGPGAGAADGMEEPGRNASQNGTLSEGQGSAILISFIYSVVCLVGLCGNSMVI
YVILRYAKMKTATNIYILNLAIADELLMLSVPFLVTSTLLRHWPFGALLCRLVLSVDAVNMFTSIYCLTVLSVDRYVAVV
HPIKAARYRRPTVAKVVNLGVWVLSLLVILPIVVFSRTAANSDGTVACNMLMPEPAQRWLVGFVLYTFLMGFLLPVGAIC
LCYVLIIAKMRMVALKAGWQQRKRSERKITLMVMMYVMVFVICWMPFYVVQLVNVFAEQDDATVSQLSVILGYANSCANP
ILYGFLSDNFKRSFQRILCLSWMDNAAEEPVDYYATALKSRAYSVEDFQPENLESGGVFRNGTCTSRITTL
;
A
2 'polypeptide(L)'
;MGCTLSAEDKAAVERSKMIEKQLQKDKQVYRATHRLLLLGADNSGKSTIVKQMRIYHVNGYSEEECKQYKAVVYSNTIQS
IIAIIRAMGRLKIDFGDSARADDARQLFVLAGAAEEGFMTAELAGVIKRLWKDSGVQACFNRSREYQLNDSAAYYLNDLD
RIAQPNYIPTQQDVLRTRVKTSGIFETKFQVDKVNFHMFDVGAQRDERRKWIQCFNDVTAIIFVVDSSDYNRLQEALNDF
KSIWNNRWLRTISVILFLNKQDLLAEKVLAGKSKIEDYFPEFARYTTPEDATPEPGEDPRVTRAKYFIRDEFLRISTASG
DGRHYCYPHFTCSVDTENARRIFNDVTDIIIKMNLRDCGLF
;
B
3 'polypeptide(L)'
;MHHHHHHGSLLQSELDQLRQEAEQLKNQIRDARKACADATLSQITNNIDPVGRIQMRTRRTLRGHLAKIYAMHWGTDSRL
LVSASQDGKLIIWDSYTTNKVHAIPLRSSWVMTCAYAPSGNYVACGGLDNICSIYNLKTREGNVRVSRELAGHTGYLSCC
RFLDDNQIVTSSGDTTCALWDIETGQQTTTFTGHTGDVMSLSLAPDTRLFVSGACDASAKLWDVREGMCRQTFTGHESDI
NAICFFPNGNAFATGSDDATCRLFDLRADQELMTYSHDNIICGITSVSFSKSGRLLLAGYDDFNCNVWDALKADRAGVLA
GHDNRVSCLGVTDDGMAVATGSWDSFLKIWN
;
C
4 'polypeptide(L)'
;MKYLLPTAAAGLLLLAAQPAMAQVQLQESGGGLVQPGGSLRLSCAASGFTFSNYKMNWVRQAPGKGLEWVSDISQSGASI
SYTGSVKGRFTISRDNAKNTLYLQMNSLKPEDTAVYYCARCPAPFTRDCFDVTSTTYAYRGQGTQVTVSSHHHHHH
;
D
5 'polypeptide(L)' MASNNTASIAQARKLVEQLKMEANIDRIKVSKAAADLMAYCEAHAKEDPLLTPVPASENPFREKKFFCAIL G
6 'polypeptide(L)' (004)(DTR)K(TY5)F(A1D5E) E
#
# COMPACT_ATOMS: atom_id res chain seq x y z
N SER A 52 16.20 -50.80 40.03
CA SER A 52 16.71 -49.83 39.05
C SER A 52 15.61 -48.88 38.59
N GLU A 53 14.57 -48.74 39.42
CA GLU A 53 13.46 -47.85 39.07
C GLU A 53 13.88 -46.38 39.16
N GLY A 54 14.68 -46.04 40.17
CA GLY A 54 15.11 -44.66 40.31
C GLY A 54 16.00 -44.20 39.17
N GLN A 55 16.93 -45.06 38.75
CA GLN A 55 17.81 -44.70 37.63
C GLN A 55 17.02 -44.53 36.34
N GLY A 56 16.05 -45.42 36.09
CA GLY A 56 15.22 -45.28 34.91
C GLY A 56 14.37 -44.03 34.94
N SER A 57 13.81 -43.71 36.11
CA SER A 57 13.02 -42.48 36.25
C SER A 57 13.89 -41.25 36.02
N ALA A 58 15.12 -41.26 36.55
CA ALA A 58 16.02 -40.13 36.33
C ALA A 58 16.39 -39.99 34.86
N ILE A 59 16.63 -41.11 34.19
CA ILE A 59 16.97 -41.07 32.76
C ILE A 59 15.79 -40.53 31.96
N LEU A 60 14.57 -40.95 32.30
CA LEU A 60 13.39 -40.46 31.60
C LEU A 60 13.20 -38.96 31.83
N ILE A 61 13.40 -38.51 33.07
CA ILE A 61 13.27 -37.09 33.37
C ILE A 61 14.31 -36.27 32.61
N SER A 62 15.55 -36.78 32.55
CA SER A 62 16.59 -36.08 31.81
C SER A 62 16.29 -36.05 30.31
N PHE A 63 15.73 -37.14 29.77
CA PHE A 63 15.37 -37.15 28.37
C PHE A 63 14.25 -36.16 28.08
N ILE A 64 13.26 -36.07 28.97
CA ILE A 64 12.19 -35.08 28.78
C ILE A 64 12.76 -33.67 28.85
N TYR A 65 13.67 -33.41 29.80
CA TYR A 65 14.31 -32.11 29.87
C TYR A 65 15.07 -31.78 28.59
N SER A 66 15.81 -32.75 28.06
CA SER A 66 16.58 -32.50 26.84
C SER A 66 15.66 -32.25 25.65
N VAL A 67 14.55 -32.98 25.56
CA VAL A 67 13.61 -32.77 24.45
C VAL A 67 12.99 -31.39 24.54
N VAL A 68 12.55 -30.98 25.74
CA VAL A 68 11.97 -29.66 25.91
C VAL A 68 12.99 -28.58 25.60
N CYS A 69 14.24 -28.78 26.03
CA CYS A 69 15.28 -27.81 25.75
C CYS A 69 15.54 -27.67 24.26
N LEU A 70 15.60 -28.80 23.54
CA LEU A 70 15.83 -28.74 22.10
C LEU A 70 14.67 -28.08 21.38
N VAL A 71 13.43 -28.38 21.79
CA VAL A 71 12.27 -27.76 21.17
C VAL A 71 12.29 -26.25 21.39
N GLY A 72 12.54 -25.82 22.62
CA GLY A 72 12.60 -24.40 22.90
C GLY A 72 13.71 -23.70 22.15
N LEU A 73 14.89 -24.34 22.08
CA LEU A 73 16.02 -23.74 21.39
C LEU A 73 15.73 -23.59 19.90
N CYS A 74 15.18 -24.62 19.27
CA CYS A 74 14.88 -24.53 17.84
C CYS A 74 13.79 -23.49 17.57
N GLY A 75 12.76 -23.45 18.43
CA GLY A 75 11.72 -22.46 18.25
C GLY A 75 12.25 -21.03 18.37
N ASN A 76 13.06 -20.79 19.40
CA ASN A 76 13.60 -19.45 19.59
C ASN A 76 14.58 -19.09 18.47
N SER A 77 15.34 -20.06 17.97
CA SER A 77 16.23 -19.80 16.86
C SER A 77 15.46 -19.42 15.60
N MET A 78 14.37 -20.15 15.33
CA MET A 78 13.53 -19.81 14.18
C MET A 78 12.91 -18.43 14.34
N VAL A 79 12.46 -18.10 15.55
CA VAL A 79 11.86 -16.78 15.78
C VAL A 79 12.89 -15.68 15.56
N ILE A 80 14.09 -15.85 16.12
CA ILE A 80 15.14 -14.84 15.96
C ILE A 80 15.54 -14.71 14.49
N TYR A 81 15.58 -15.82 13.76
CA TYR A 81 15.91 -15.77 12.34
C TYR A 81 14.85 -15.01 11.56
N VAL A 82 13.56 -15.30 11.83
CA VAL A 82 12.49 -14.60 11.13
C VAL A 82 12.51 -13.11 11.46
N ILE A 83 12.88 -12.76 12.70
CA ILE A 83 12.88 -11.36 13.11
C ILE A 83 14.04 -10.61 12.49
N LEU A 84 15.23 -11.21 12.46
CA LEU A 84 16.43 -10.48 12.05
C LEU A 84 16.70 -10.56 10.55
N ARG A 85 16.51 -11.74 9.94
CA ARG A 85 16.84 -11.90 8.52
C ARG A 85 15.94 -11.04 7.65
N TYR A 86 14.64 -10.99 7.95
CA TYR A 86 13.70 -10.21 7.17
C TYR A 86 13.72 -8.73 7.51
N ALA A 87 14.53 -8.32 8.48
CA ALA A 87 14.67 -6.91 8.88
C ALA A 87 13.31 -6.32 9.26
N LYS A 88 12.62 -7.00 10.17
CA LYS A 88 11.31 -6.57 10.64
C LYS A 88 11.38 -5.87 11.99
N MET A 89 12.56 -5.44 12.41
CA MET A 89 12.73 -4.77 13.70
C MET A 89 12.59 -3.25 13.52
N LYS A 90 11.36 -2.84 13.18
CA LYS A 90 11.05 -1.44 12.96
C LYS A 90 9.88 -0.94 13.81
N THR A 91 9.02 -1.82 14.30
CA THR A 91 7.89 -1.44 15.13
C THR A 91 8.13 -1.83 16.59
N ALA A 92 7.33 -1.26 17.48
CA ALA A 92 7.47 -1.54 18.90
C ALA A 92 7.05 -2.97 19.23
N THR A 93 6.12 -3.53 18.46
CA THR A 93 5.63 -4.88 18.73
C THR A 93 6.63 -5.95 18.31
N ASN A 94 7.62 -5.60 17.48
CA ASN A 94 8.61 -6.55 17.02
C ASN A 94 9.89 -6.55 17.85
N ILE A 95 9.98 -5.67 18.84
CA ILE A 95 11.14 -5.62 19.73
C ILE A 95 10.88 -6.37 21.03
N TYR A 96 9.66 -6.27 21.57
CA TYR A 96 9.31 -7.02 22.76
C TYR A 96 9.35 -8.52 22.48
N ILE A 97 8.86 -8.94 21.31
CA ILE A 97 8.91 -10.34 20.94
C ILE A 97 10.34 -10.82 20.77
N LEU A 98 11.20 -9.95 20.20
CA LEU A 98 12.60 -10.32 20.05
C LEU A 98 13.29 -10.47 21.40
N ASN A 99 12.99 -9.57 22.34
CA ASN A 99 13.57 -9.68 23.67
C ASN A 99 13.06 -10.91 24.41
N LEU A 100 11.77 -11.24 24.21
CA LEU A 100 11.22 -12.48 24.76
C LEU A 100 11.94 -13.70 24.20
N ALA A 101 12.19 -13.70 22.89
CA ALA A 101 12.89 -14.82 22.27
C ALA A 101 14.32 -14.92 22.80
N ILE A 102 14.98 -13.78 23.00
CA ILE A 102 16.34 -13.81 23.55
C ILE A 102 16.34 -14.35 24.97
N ALA A 103 15.38 -13.94 25.79
CA ALA A 103 15.30 -14.45 27.15
C ALA A 103 15.03 -15.94 27.18
N ASP A 104 14.12 -16.41 26.32
CA ASP A 104 13.83 -17.83 26.27
C ASP A 104 15.02 -18.63 25.73
N GLU A 105 15.80 -18.04 24.81
CA GLU A 105 17.01 -18.70 24.35
C GLU A 105 18.05 -18.81 25.45
N LEU A 106 18.18 -17.75 26.27
CA LEU A 106 19.07 -17.83 27.43
C LEU A 106 18.60 -18.89 28.41
N LEU A 107 17.29 -19.01 28.60
CA LEU A 107 16.76 -20.05 29.47
C LEU A 107 17.06 -21.44 28.92
N MET A 108 16.89 -21.62 27.61
CA MET A 108 17.16 -22.92 27.00
C MET A 108 18.66 -23.23 26.99
N LEU A 109 19.51 -22.19 27.04
CA LEU A 109 20.94 -22.42 27.15
C LEU A 109 21.34 -22.74 28.58
N SER A 110 20.59 -22.23 29.56
CA SER A 110 20.85 -22.54 30.96
C SER A 110 20.26 -23.87 31.41
N VAL A 111 19.28 -24.40 30.68
CA VAL A 111 18.66 -25.69 30.98
C VAL A 111 19.70 -26.82 31.02
N PRO A 112 20.63 -26.92 30.05
CA PRO A 112 21.62 -28.01 30.13
C PRO A 112 22.41 -28.04 31.42
N PHE A 113 22.59 -26.90 32.09
CA PHE A 113 23.23 -26.92 33.40
C PHE A 113 22.39 -27.70 34.40
N LEU A 114 21.07 -27.47 34.41
CA LEU A 114 20.18 -28.24 35.27
C LEU A 114 20.16 -29.71 34.88
N VAL A 115 20.24 -30.00 33.58
CA VAL A 115 20.27 -31.39 33.13
C VAL A 115 21.52 -32.10 33.64
N THR A 116 22.67 -31.43 33.54
CA THR A 116 23.91 -32.01 34.03
C THR A 116 23.89 -32.15 35.55
N SER A 117 23.29 -31.18 36.24
CA SER A 117 23.16 -31.28 37.70
C SER A 117 22.29 -32.47 38.10
N THR A 118 21.25 -32.75 37.31
CA THR A 118 20.40 -33.90 37.60
C THR A 118 21.12 -35.21 37.28
N LEU A 119 21.92 -35.21 36.22
CA LEU A 119 22.62 -36.44 35.82
C LEU A 119 23.77 -36.75 36.76
N LEU A 120 24.75 -35.84 36.85
CA LEU A 120 25.95 -36.12 37.63
C LEU A 120 25.69 -36.02 39.13
N ARG A 121 24.80 -35.11 39.55
CA ARG A 121 24.46 -34.90 40.96
C ARG A 121 25.67 -34.49 41.80
N HIS A 122 26.72 -34.00 41.16
CA HIS A 122 27.94 -33.58 41.85
C HIS A 122 28.29 -32.11 41.61
N TRP A 123 28.14 -31.63 40.37
CA TRP A 123 28.47 -30.26 39.98
C TRP A 123 29.89 -29.90 40.39
N PRO A 124 30.92 -30.45 39.72
CA PRO A 124 32.30 -30.08 40.07
C PRO A 124 32.76 -28.81 39.38
N PHE A 125 31.81 -28.03 38.85
CA PHE A 125 32.18 -26.85 38.07
C PHE A 125 32.72 -25.74 38.93
N GLY A 126 32.17 -25.54 40.13
CA GLY A 126 32.64 -24.49 41.01
C GLY A 126 31.53 -23.66 41.63
N ALA A 127 31.87 -22.89 42.66
CA ALA A 127 30.87 -22.08 43.35
C ALA A 127 30.52 -20.83 42.56
N LEU A 128 31.54 -20.17 42.00
CA LEU A 128 31.28 -18.95 41.22
C LEU A 128 30.48 -19.25 39.97
N LEU A 129 30.82 -20.32 39.26
CA LEU A 129 30.05 -20.70 38.08
C LEU A 129 28.63 -21.11 38.45
N CYS A 130 28.47 -21.77 39.60
CA CYS A 130 27.13 -22.11 40.08
C CYS A 130 26.31 -20.86 40.33
N ARG A 131 26.90 -19.86 41.01
CA ARG A 131 26.20 -18.61 41.27
C ARG A 131 25.83 -17.91 39.96
N LEU A 132 26.76 -17.88 39.00
CA LEU A 132 26.48 -17.21 37.74
C LEU A 132 25.37 -17.93 36.97
N VAL A 133 25.40 -19.26 36.96
CA VAL A 133 24.37 -20.02 36.24
C VAL A 133 23.00 -19.81 36.88
N LEU A 134 22.94 -19.83 38.21
CA LEU A 134 21.66 -19.59 38.88
C LEU A 134 21.16 -18.17 38.60
N SER A 135 22.05 -17.18 38.66
CA SER A 135 21.66 -15.81 38.37
C SER A 135 21.12 -15.66 36.96
N VAL A 136 21.78 -16.28 35.99
CA VAL A 136 21.32 -16.19 34.60
C VAL A 136 19.99 -16.92 34.44
N ASP A 137 19.82 -18.05 35.12
CA ASP A 137 18.62 -18.87 35.01
C ASP A 137 17.46 -18.21 35.59
N ALA A 138 17.70 -17.36 36.54
CA ALA A 138 16.61 -16.60 37.15
C ALA A 138 16.32 -15.32 36.35
N VAL A 139 17.37 -14.63 35.90
CA VAL A 139 17.17 -13.33 35.26
C VAL A 139 16.57 -13.49 33.88
N ASN A 140 16.85 -14.59 33.17
CA ASN A 140 16.24 -14.77 31.86
C ASN A 140 14.74 -15.02 31.98
N MET A 141 14.35 -15.83 32.97
CA MET A 141 12.93 -16.05 33.22
C MET A 141 12.23 -14.76 33.62
N PHE A 142 12.83 -14.01 34.54
CA PHE A 142 12.22 -12.75 34.97
C PHE A 142 12.13 -11.75 33.82
N THR A 143 13.15 -11.69 32.96
CA THR A 143 13.10 -10.79 31.82
C THR A 143 12.04 -11.21 30.81
N SER A 144 11.89 -12.52 30.59
CA SER A 144 10.83 -13.00 29.71
C SER A 144 9.45 -12.62 30.25
N ILE A 145 9.24 -12.81 31.55
CA ILE A 145 7.93 -12.50 32.13
C ILE A 145 7.67 -11.00 32.07
N TYR A 146 8.70 -10.19 32.36
CA TYR A 146 8.54 -8.74 32.31
C TYR A 146 8.31 -8.25 30.89
N CYS A 147 8.93 -8.89 29.89
CA CYS A 147 8.69 -8.52 28.51
C CYS A 147 7.28 -8.88 28.08
N LEU A 148 6.77 -10.03 28.53
CA LEU A 148 5.37 -10.36 28.27
C LEU A 148 4.44 -9.32 28.89
N THR A 149 4.74 -8.91 30.13
CA THR A 149 3.92 -7.89 30.78
C THR A 149 3.99 -6.56 30.04
N VAL A 150 5.18 -6.18 29.57
CA VAL A 150 5.34 -4.92 28.84
C VAL A 150 4.59 -4.97 27.52
N LEU A 151 4.64 -6.11 26.83
CA LEU A 151 3.89 -6.24 25.58
C LEU A 151 2.39 -6.15 25.83
N SER A 152 1.91 -6.77 26.91
CA SER A 152 0.49 -6.66 27.25
C SER A 152 0.10 -5.23 27.56
N VAL A 153 0.92 -4.51 28.32
CA VAL A 153 0.63 -3.11 28.64
C VAL A 153 0.66 -2.25 27.39
N ASP A 154 1.59 -2.52 26.47
CA ASP A 154 1.66 -1.76 25.23
C ASP A 154 0.43 -2.00 24.37
N ARG A 155 -0.01 -3.25 24.26
CA ARG A 155 -1.24 -3.54 23.52
C ARG A 155 -2.44 -2.87 24.18
N TYR A 156 -2.46 -2.83 25.52
CA TYR A 156 -3.52 -2.13 26.22
C TYR A 156 -3.55 -0.65 25.86
N VAL A 157 -2.40 0.03 25.99
CA VAL A 157 -2.33 1.45 25.66
C VAL A 157 -2.67 1.69 24.20
N ALA A 158 -2.36 0.73 23.32
CA ALA A 158 -2.62 0.91 21.90
C ALA A 158 -4.11 0.80 21.59
N VAL A 159 -4.76 -0.27 22.06
CA VAL A 159 -6.14 -0.54 21.68
C VAL A 159 -7.10 0.11 22.67
N VAL A 160 -6.65 0.87 23.64
CA VAL A 160 -7.61 1.43 24.57
C VAL A 160 -7.32 2.89 24.76
N HIS A 161 -6.07 3.31 24.64
CA HIS A 161 -5.74 4.73 24.71
C HIS A 161 -5.02 5.13 23.45
N PRO A 162 -5.67 5.03 22.29
CA PRO A 162 -4.95 5.25 21.05
C PRO A 162 -4.32 6.58 20.84
N ILE A 163 -4.95 7.63 21.31
CA ILE A 163 -4.43 8.97 21.11
C ILE A 163 -3.05 9.13 21.69
N LYS A 164 -2.94 8.99 22.99
CA LYS A 164 -1.66 9.11 23.64
C LYS A 164 -0.68 8.12 23.11
N ALA A 165 -1.10 6.89 22.92
CA ALA A 165 -0.21 5.84 22.47
C ALA A 165 0.87 6.25 21.56
N ALA A 166 0.54 6.76 20.40
CA ALA A 166 1.58 7.04 19.42
C ALA A 166 2.64 8.01 19.89
N ARG A 167 2.28 8.89 20.80
CA ARG A 167 3.28 9.77 21.37
C ARG A 167 4.35 8.93 22.02
N TYR A 168 3.96 8.10 22.99
CA TYR A 168 4.92 7.23 23.61
C TYR A 168 4.91 5.79 23.14
N ARG A 169 5.14 5.54 21.85
CA ARG A 169 5.20 4.17 21.35
C ARG A 169 6.09 3.98 20.17
N ARG A 170 7.10 4.82 20.04
CA ARG A 170 7.93 4.77 18.86
C ARG A 170 8.92 3.66 18.99
N PRO A 171 9.56 3.27 17.88
CA PRO A 171 10.62 2.26 18.03
C PRO A 171 11.89 2.74 18.70
N THR A 172 11.79 3.62 19.67
CA THR A 172 12.94 4.08 20.36
C THR A 172 12.64 3.81 21.79
N VAL A 173 11.45 4.18 22.22
CA VAL A 173 11.10 4.00 23.60
C VAL A 173 11.13 2.53 23.92
N ALA A 174 11.04 1.68 22.92
CA ALA A 174 11.00 0.25 23.18
C ALA A 174 12.34 -0.24 23.73
N LYS A 175 13.45 0.24 23.16
CA LYS A 175 14.76 -0.15 23.68
C LYS A 175 14.98 0.38 25.09
N VAL A 176 14.49 1.59 25.37
CA VAL A 176 14.61 2.14 26.72
C VAL A 176 13.82 1.30 27.72
N VAL A 177 12.60 0.88 27.33
CA VAL A 177 11.79 0.05 28.22
C VAL A 177 12.44 -1.32 28.42
N ASN A 178 13.07 -1.85 27.36
CA ASN A 178 13.75 -3.13 27.48
C ASN A 178 14.94 -3.03 28.44
N LEU A 179 15.74 -1.96 28.32
CA LEU A 179 16.83 -1.75 29.26
C LEU A 179 16.32 -1.57 30.68
N GLY A 180 15.20 -0.87 30.84
CA GLY A 180 14.64 -0.67 32.16
C GLY A 180 14.17 -1.97 32.80
N VAL A 181 13.49 -2.82 32.03
CA VAL A 181 13.02 -4.08 32.60
C VAL A 181 14.20 -5.03 32.83
N TRP A 182 15.26 -4.91 32.03
CA TRP A 182 16.46 -5.70 32.31
C TRP A 182 17.11 -5.26 33.62
N VAL A 183 17.18 -3.95 33.86
CA VAL A 183 17.74 -3.46 35.12
C VAL A 183 16.86 -3.89 36.29
N LEU A 184 15.54 -3.86 36.11
CA LEU A 184 14.63 -4.30 37.16
C LEU A 184 14.80 -5.79 37.45
N SER A 185 14.97 -6.60 36.41
CA SER A 185 15.22 -8.03 36.61
C SER A 185 16.52 -8.26 37.35
N LEU A 186 17.57 -7.52 36.98
CA LEU A 186 18.85 -7.65 37.67
C LEU A 186 18.71 -7.27 39.14
N LEU A 187 17.98 -6.20 39.44
CA LEU A 187 17.80 -5.79 40.82
C LEU A 187 16.99 -6.81 41.61
N VAL A 188 16.00 -7.44 40.97
CA VAL A 188 15.20 -8.45 41.65
C VAL A 188 16.03 -9.70 41.91
N ILE A 189 16.94 -10.04 40.99
CA ILE A 189 17.74 -11.25 41.15
C ILE A 189 18.92 -11.03 42.09
N LEU A 190 19.39 -9.80 42.26
CA LEU A 190 20.51 -9.52 43.14
C LEU A 190 20.40 -10.16 44.53
N PRO A 191 19.25 -10.13 45.22
CA PRO A 191 19.17 -10.86 46.50
C PRO A 191 19.31 -12.37 46.35
N ILE A 192 19.14 -12.91 45.15
CA ILE A 192 19.23 -14.35 44.93
C ILE A 192 20.63 -14.71 44.46
N VAL A 193 21.52 -13.71 44.44
CA VAL A 193 22.90 -13.91 43.99
C VAL A 193 23.82 -14.24 45.16
N VAL A 194 23.67 -13.54 46.28
CA VAL A 194 24.54 -13.79 47.43
C VAL A 194 24.24 -15.15 48.05
N PHE A 195 22.96 -15.54 48.09
CA PHE A 195 22.59 -16.80 48.70
C PHE A 195 22.99 -18.00 47.84
N SER A 196 23.05 -17.82 46.53
CA SER A 196 23.34 -18.91 45.60
C SER A 196 24.81 -19.31 45.73
N ARG A 197 25.07 -20.37 46.48
CA ARG A 197 26.42 -20.87 46.70
C ARG A 197 26.39 -22.39 46.74
N THR A 198 27.57 -22.98 46.90
CA THR A 198 27.72 -24.43 47.02
C THR A 198 27.84 -24.81 48.49
N ALA A 199 26.96 -25.70 48.94
CA ALA A 199 26.96 -26.19 50.30
C ALA A 199 27.40 -27.64 50.35
N ALA A 200 27.94 -28.05 51.50
CA ALA A 200 28.42 -29.41 51.68
C ALA A 200 27.29 -30.31 52.16
N ASN A 201 27.09 -31.41 51.45
CA ASN A 201 26.05 -32.36 51.78
C ASN A 201 26.59 -33.42 52.76
N SER A 202 25.75 -34.41 53.07
CA SER A 202 26.15 -35.46 53.99
C SER A 202 26.99 -36.54 53.32
N ASP A 203 26.76 -36.78 52.02
CA ASP A 203 27.50 -37.81 51.31
C ASP A 203 28.89 -37.36 50.88
N GLY A 204 29.15 -36.05 50.86
CA GLY A 204 30.47 -35.55 50.50
C GLY A 204 30.53 -34.89 49.15
N THR A 205 29.39 -34.39 48.66
CA THR A 205 29.32 -33.71 47.39
C THR A 205 28.73 -32.31 47.58
N VAL A 206 29.13 -31.38 46.72
CA VAL A 206 28.66 -30.00 46.81
C VAL A 206 27.32 -29.88 46.12
N ALA A 207 26.47 -29.02 46.66
CA ALA A 207 25.13 -28.75 46.11
C ALA A 207 24.98 -27.27 45.86
N CYS A 208 24.60 -26.90 44.64
CA CYS A 208 24.45 -25.51 44.23
C CYS A 208 23.05 -25.05 44.59
N ASN A 209 22.90 -24.40 45.75
CA ASN A 209 21.60 -24.01 46.26
C ASN A 209 21.71 -22.65 46.93
N MET A 210 20.56 -22.13 47.36
CA MET A 210 20.50 -20.83 48.02
C MET A 210 20.79 -21.00 49.51
N LEU A 211 21.91 -20.46 49.97
CA LEU A 211 22.28 -20.54 51.37
C LEU A 211 21.39 -19.61 52.19
N MET A 212 20.81 -20.15 53.27
CA MET A 212 19.92 -19.42 54.16
C MET A 212 20.69 -18.96 55.39
N PRO A 213 20.44 -17.73 55.86
CA PRO A 213 21.11 -17.25 57.08
C PRO A 213 20.64 -17.98 58.33
N GLU A 214 21.07 -17.51 59.49
CA GLU A 214 20.71 -18.15 60.76
C GLU A 214 19.21 -18.38 60.92
N PRO A 215 18.31 -17.42 60.61
CA PRO A 215 16.88 -17.75 60.61
C PRO A 215 16.50 -18.61 59.42
N ALA A 216 16.20 -19.88 59.66
CA ALA A 216 15.93 -20.80 58.56
C ALA A 216 14.46 -20.76 58.16
N GLN A 217 13.55 -20.95 59.12
CA GLN A 217 12.13 -21.00 58.81
C GLN A 217 11.57 -19.64 58.41
N ARG A 218 12.15 -18.56 58.94
CA ARG A 218 11.60 -17.23 58.69
C ARG A 218 11.99 -16.73 57.30
N TRP A 219 13.29 -16.61 57.04
CA TRP A 219 13.75 -16.00 55.80
C TRP A 219 13.43 -16.84 54.57
N LEU A 220 13.45 -18.17 54.69
CA LEU A 220 13.11 -19.01 53.55
C LEU A 220 11.65 -18.79 53.14
N VAL A 221 10.73 -18.84 54.10
CA VAL A 221 9.33 -18.61 53.79
C VAL A 221 9.11 -17.20 53.29
N GLY A 222 9.83 -16.23 53.86
CA GLY A 222 9.71 -14.86 53.38
C GLY A 222 10.13 -14.70 51.94
N PHE A 223 11.26 -15.30 51.57
CA PHE A 223 11.74 -15.19 50.20
C PHE A 223 10.83 -15.92 49.23
N VAL A 224 10.39 -17.13 49.59
CA VAL A 224 9.50 -17.93 48.75
C VAL A 224 8.20 -17.17 48.53
N LEU A 225 7.62 -16.64 49.62
CA LEU A 225 6.39 -15.88 49.52
C LEU A 225 6.54 -14.61 48.69
N TYR A 226 7.63 -13.86 48.88
CA TYR A 226 7.84 -12.66 48.09
C TYR A 226 7.96 -13.00 46.61
N THR A 227 8.77 -14.01 46.27
CA THR A 227 8.93 -14.39 44.88
C THR A 227 7.61 -14.83 44.27
N PHE A 228 6.88 -15.71 44.96
CA PHE A 228 5.59 -16.17 44.48
C PHE A 228 4.64 -15.01 44.26
N LEU A 229 4.42 -14.20 45.30
CA LEU A 229 3.51 -13.06 45.23
C LEU A 229 3.85 -12.18 44.04
N MET A 230 5.07 -11.65 43.98
CA MET A 230 5.44 -10.78 42.88
C MET A 230 5.25 -11.48 41.53
N GLY A 231 6.07 -12.51 41.28
CA GLY A 231 6.10 -13.17 39.99
C GLY A 231 4.77 -13.66 39.48
N PHE A 232 3.85 -14.05 40.36
CA PHE A 232 2.54 -14.49 39.90
C PHE A 232 1.57 -13.33 39.78
N LEU A 233 1.34 -12.61 40.88
CA LEU A 233 0.24 -11.64 40.91
C LEU A 233 0.52 -10.44 40.01
N LEU A 234 1.74 -9.89 40.05
CA LEU A 234 1.97 -8.65 39.31
C LEU A 234 1.86 -8.86 37.80
N PRO A 235 2.60 -9.81 37.21
CA PRO A 235 2.49 -9.98 35.74
C PRO A 235 1.14 -10.52 35.30
N VAL A 236 0.61 -11.55 35.95
CA VAL A 236 -0.67 -12.09 35.51
C VAL A 236 -1.78 -11.08 35.75
N GLY A 237 -1.67 -10.25 36.79
CA GLY A 237 -2.67 -9.22 37.00
C GLY A 237 -2.60 -8.13 35.96
N ALA A 238 -1.38 -7.67 35.64
CA ALA A 238 -1.20 -6.66 34.61
C ALA A 238 -1.54 -7.16 33.22
N ILE A 239 -1.54 -8.48 33.00
CA ILE A 239 -1.95 -9.05 31.72
C ILE A 239 -3.45 -9.31 31.67
N CYS A 240 -4.07 -9.68 32.79
CA CYS A 240 -5.51 -9.97 32.82
C CYS A 240 -6.36 -8.71 32.87
N LEU A 241 -6.02 -7.75 33.74
CA LEU A 241 -6.81 -6.52 33.82
C LEU A 241 -6.78 -5.75 32.50
N CYS A 242 -5.59 -5.61 31.92
CA CYS A 242 -5.47 -4.89 30.66
C CYS A 242 -6.26 -5.57 29.55
N TYR A 243 -6.16 -6.90 29.45
CA TYR A 243 -6.85 -7.60 28.37
C TYR A 243 -8.36 -7.60 28.57
N VAL A 244 -8.83 -7.69 29.83
CA VAL A 244 -10.27 -7.64 30.04
C VAL A 244 -10.79 -6.23 29.78
N LEU A 245 -9.98 -5.20 30.05
CA LEU A 245 -10.39 -3.84 29.68
C LEU A 245 -10.42 -3.67 28.16
N ILE A 246 -9.48 -4.29 27.46
CA ILE A 246 -9.49 -4.27 26.00
C ILE A 246 -10.77 -4.92 25.48
N ILE A 247 -11.13 -6.08 26.06
CA ILE A 247 -12.33 -6.78 25.62
C ILE A 247 -13.57 -5.96 25.90
N ALA A 248 -13.64 -5.33 27.08
CA ALA A 248 -14.79 -4.49 27.41
C ALA A 248 -14.90 -3.31 26.47
N LYS A 249 -13.78 -2.66 26.16
CA LYS A 249 -13.80 -1.53 25.22
C LYS A 249 -14.24 -1.98 23.84
N MET A 250 -13.74 -3.13 23.38
CA MET A 250 -14.13 -3.62 22.06
C MET A 250 -15.61 -3.95 22.01
N ARG A 251 -16.14 -4.59 23.07
CA ARG A 251 -17.56 -4.90 23.11
C ARG A 251 -18.41 -3.63 23.15
N MET A 252 -17.96 -2.62 23.90
CA MET A 252 -18.71 -1.36 23.96
C MET A 252 -18.71 -0.65 22.62
N VAL A 253 -17.57 -0.66 21.92
CA VAL A 253 -17.51 -0.04 20.60
C VAL A 253 -18.40 -0.80 19.61
N ALA A 254 -18.39 -2.13 19.69
CA ALA A 254 -19.24 -2.93 18.81
C ALA A 254 -20.72 -2.69 19.08
N LEU A 255 -21.08 -2.48 20.34
CA LEU A 255 -22.47 -2.20 20.67
C LEU A 255 -22.88 -0.79 20.26
N LYS A 256 -21.99 0.18 20.38
CA LYS A 256 -22.30 1.55 19.99
C LYS A 256 -22.32 1.71 18.48
N ALA A 257 -21.58 0.86 17.76
CA ALA A 257 -21.50 0.93 16.31
C ALA A 257 -21.97 -0.37 15.68
N GLY A 258 -23.09 -0.91 16.18
CA GLY A 258 -23.55 -2.21 15.75
C GLY A 258 -23.90 -2.35 14.28
N TRP A 259 -23.07 -3.10 13.55
CA TRP A 259 -23.36 -3.51 12.19
C TRP A 259 -23.29 -5.02 12.01
N GLN A 260 -22.34 -5.68 12.67
CA GLN A 260 -22.29 -7.13 12.76
C GLN A 260 -21.69 -7.52 14.10
N GLN A 261 -22.54 -7.76 15.10
CA GLN A 261 -22.08 -7.99 16.46
C GLN A 261 -21.43 -9.36 16.61
N ARG A 262 -21.73 -10.28 15.70
CA ARG A 262 -21.20 -11.64 15.76
C ARG A 262 -19.67 -11.62 15.76
N LYS A 263 -19.07 -11.12 14.68
CA LYS A 263 -17.62 -10.98 14.57
C LYS A 263 -16.91 -12.28 14.90
N ARG A 264 -17.07 -13.30 14.06
CA ARG A 264 -16.47 -14.61 14.30
C ARG A 264 -14.95 -14.59 14.36
N SER A 265 -14.31 -13.44 14.09
CA SER A 265 -12.88 -13.29 14.32
C SER A 265 -12.57 -12.86 15.75
N GLU A 266 -13.28 -11.85 16.25
CA GLU A 266 -13.04 -11.37 17.59
C GLU A 266 -13.12 -12.57 18.47
N ARG A 267 -13.70 -13.63 17.97
CA ARG A 267 -13.75 -14.84 18.73
C ARG A 267 -12.34 -15.31 18.86
N LYS A 268 -11.58 -15.28 17.78
CA LYS A 268 -10.17 -15.62 17.89
C LYS A 268 -9.40 -14.72 18.80
N ILE A 269 -9.66 -13.42 18.80
CA ILE A 269 -8.99 -12.54 19.76
C ILE A 269 -9.28 -13.00 21.16
N THR A 270 -10.53 -13.25 21.48
CA THR A 270 -10.86 -13.61 22.82
C THR A 270 -10.13 -14.87 23.14
N LEU A 271 -10.07 -15.79 22.20
CA LEU A 271 -9.43 -17.07 22.49
C LEU A 271 -7.98 -16.84 22.76
N MET A 272 -7.35 -15.95 22.00
CA MET A 272 -5.96 -15.62 22.21
C MET A 272 -5.77 -15.11 23.60
N VAL A 273 -6.52 -14.13 24.03
CA VAL A 273 -6.30 -13.68 25.36
C VAL A 273 -6.43 -14.80 26.35
N MET A 274 -7.48 -15.57 26.21
CA MET A 274 -7.69 -16.60 27.21
C MET A 274 -6.54 -17.55 27.27
N MET A 275 -5.98 -17.92 26.14
CA MET A 275 -4.80 -18.77 26.14
C MET A 275 -3.62 -18.09 26.77
N TYR A 276 -3.23 -16.93 26.28
CA TYR A 276 -2.16 -16.18 26.88
C TYR A 276 -2.27 -16.28 28.38
N VAL A 277 -3.43 -16.40 28.98
CA VAL A 277 -3.44 -16.46 30.42
C VAL A 277 -3.76 -17.81 31.12
N MET A 278 -4.25 -18.82 30.42
CA MET A 278 -4.59 -20.11 31.01
C MET A 278 -3.39 -21.04 31.07
N VAL A 279 -2.64 -21.14 29.96
CA VAL A 279 -1.43 -21.96 29.95
C VAL A 279 -0.42 -21.43 30.95
N PHE A 280 -0.27 -20.11 31.03
CA PHE A 280 0.66 -19.51 31.97
C PHE A 280 0.30 -19.91 33.41
N VAL A 281 -0.97 -19.80 33.77
CA VAL A 281 -1.41 -20.16 35.12
C VAL A 281 -1.18 -21.64 35.37
N ILE A 282 -1.67 -22.49 34.47
CA ILE A 282 -1.56 -23.94 34.66
C ILE A 282 -0.11 -24.38 34.74
N CYS A 283 0.80 -23.63 34.13
CA CYS A 283 2.21 -24.00 34.17
C CYS A 283 2.94 -23.46 35.39
N TRP A 284 2.56 -22.27 35.87
CA TRP A 284 3.32 -21.63 36.94
C TRP A 284 2.73 -21.86 38.33
N MET A 285 1.40 -21.75 38.48
CA MET A 285 0.80 -21.86 39.80
C MET A 285 1.07 -23.20 40.49
N PRO A 286 0.95 -24.37 39.83
CA PRO A 286 1.30 -25.61 40.52
C PRO A 286 2.74 -25.67 41.00
N PHE A 287 3.67 -25.04 40.27
CA PHE A 287 5.07 -25.01 40.70
C PHE A 287 5.21 -24.29 42.04
N TYR A 288 4.61 -23.10 42.15
CA TYR A 288 4.66 -22.36 43.40
C TYR A 288 3.90 -23.08 44.51
N VAL A 289 2.82 -23.79 44.17
CA VAL A 289 2.09 -24.55 45.18
C VAL A 289 2.96 -25.67 45.74
N VAL A 290 3.66 -26.39 44.85
CA VAL A 290 4.56 -27.46 45.29
C VAL A 290 5.70 -26.89 46.13
N GLN A 291 6.22 -25.73 45.72
CA GLN A 291 7.28 -25.09 46.51
C GLN A 291 6.79 -24.72 47.90
N LEU A 292 5.58 -24.16 47.98
CA LEU A 292 5.03 -23.79 49.29
C LEU A 292 4.79 -25.02 50.15
N VAL A 293 4.33 -26.11 49.54
CA VAL A 293 4.11 -27.35 50.30
C VAL A 293 5.43 -27.90 50.81
N ASN A 294 6.48 -27.86 49.99
CA ASN A 294 7.78 -28.39 50.38
C ASN A 294 8.51 -27.50 51.36
N VAL A 295 8.20 -26.20 51.41
CA VAL A 295 8.85 -25.27 52.33
C VAL A 295 8.11 -25.16 53.65
N PHE A 296 6.83 -24.76 53.61
CA PHE A 296 6.07 -24.55 54.83
C PHE A 296 5.69 -25.88 55.47
N ALA A 297 4.98 -26.73 54.72
CA ALA A 297 4.53 -28.01 55.27
C ALA A 297 5.66 -29.04 55.28
N GLU A 298 6.58 -28.97 54.32
CA GLU A 298 7.71 -29.90 54.21
C GLU A 298 7.22 -31.35 54.15
N GLN A 299 6.47 -31.65 53.10
CA GLN A 299 5.91 -32.98 52.87
C GLN A 299 6.81 -33.74 51.91
N ASP A 300 7.36 -34.87 52.38
CA ASP A 300 8.24 -35.68 51.55
C ASP A 300 7.42 -36.62 50.68
N ASP A 301 7.72 -36.64 49.38
CA ASP A 301 7.01 -37.48 48.43
C ASP A 301 8.02 -37.98 47.40
N ALA A 302 7.51 -38.57 46.32
CA ALA A 302 8.37 -39.08 45.26
C ALA A 302 8.85 -37.92 44.38
N THR A 303 9.52 -38.25 43.28
CA THR A 303 10.07 -37.25 42.36
C THR A 303 8.93 -36.64 41.56
N VAL A 304 8.23 -35.70 42.19
CA VAL A 304 7.10 -35.03 41.56
C VAL A 304 7.37 -33.55 41.32
N SER A 305 8.33 -32.94 42.02
CA SER A 305 8.62 -31.52 41.82
C SER A 305 9.29 -31.24 40.48
N GLN A 306 9.89 -32.25 39.86
CA GLN A 306 10.53 -32.05 38.57
C GLN A 306 9.51 -31.78 37.47
N LEU A 307 8.31 -32.36 37.58
CA LEU A 307 7.28 -32.12 36.59
C LEU A 307 6.84 -30.67 36.57
N SER A 308 6.85 -30.00 37.73
CA SER A 308 6.50 -28.59 37.77
C SER A 308 7.51 -27.75 37.00
N VAL A 309 8.80 -28.03 37.18
CA VAL A 309 9.82 -27.29 36.44
C VAL A 309 9.75 -27.62 34.96
N ILE A 310 9.43 -28.88 34.61
CA ILE A 310 9.29 -29.25 33.21
C ILE A 310 8.14 -28.47 32.57
N LEU A 311 7.02 -28.36 33.27
CA LEU A 311 5.89 -27.60 32.75
C LEU A 311 6.19 -26.11 32.66
N GLY A 312 6.93 -25.57 33.65
CA GLY A 312 7.33 -24.17 33.58
C GLY A 312 8.24 -23.89 32.40
N TYR A 313 9.13 -24.75 32.03
CA TYR A 313 9.89 -24.37 30.88
C TYR A 313 9.03 -24.65 29.66
N ALA A 314 8.25 -25.73 29.60
CA ALA A 314 7.40 -25.88 28.42
C ALA A 314 6.57 -24.63 28.18
N ASN A 315 6.19 -23.94 29.24
CA ASN A 315 5.47 -22.67 29.08
C ASN A 315 6.32 -21.65 28.32
N SER A 316 7.58 -21.48 28.73
CA SER A 316 8.46 -20.55 28.04
C SER A 316 8.86 -21.05 26.67
N CYS A 317 8.78 -22.35 26.42
CA CYS A 317 9.03 -22.88 25.07
C CYS A 317 7.84 -22.63 24.15
N ALA A 318 6.63 -22.67 24.67
CA ALA A 318 5.42 -22.48 23.87
C ALA A 318 5.01 -21.03 23.73
N ASN A 319 5.59 -20.15 24.56
CA ASN A 319 5.35 -18.70 24.46
C ASN A 319 5.67 -18.25 23.09
N PRO A 320 6.79 -18.65 22.48
CA PRO A 320 6.95 -18.20 21.09
C PRO A 320 5.79 -18.52 20.20
N ILE A 321 5.27 -19.73 20.18
CA ILE A 321 4.09 -19.98 19.36
C ILE A 321 3.01 -18.97 19.62
N LEU A 322 2.48 -18.94 20.84
CA LEU A 322 1.39 -18.05 21.18
C LEU A 322 1.60 -16.63 20.74
N TYR A 323 2.81 -16.13 20.73
CA TYR A 323 2.99 -14.73 20.45
C TYR A 323 3.51 -14.46 19.06
N GLY A 324 4.35 -15.32 18.51
CA GLY A 324 4.81 -15.18 17.13
C GLY A 324 4.13 -15.97 16.06
N PHE A 325 3.82 -17.21 16.35
CA PHE A 325 3.32 -18.04 15.29
C PHE A 325 1.88 -17.74 15.00
N LEU A 326 1.21 -17.18 15.99
CA LEU A 326 -0.16 -16.99 15.72
C LEU A 326 -0.39 -15.60 15.19
N SER A 327 0.63 -14.74 15.28
CA SER A 327 0.35 -13.42 14.66
C SER A 327 0.13 -13.19 13.14
N ASP A 328 -1.00 -12.64 12.73
CA ASP A 328 -1.07 -12.29 11.33
C ASP A 328 0.15 -11.49 10.86
N ASN A 329 0.94 -10.95 11.78
CA ASN A 329 2.13 -10.18 11.44
C ASN A 329 3.32 -11.05 11.07
N PHE A 330 3.15 -12.38 11.04
CA PHE A 330 4.24 -13.29 10.69
C PHE A 330 3.91 -14.24 9.57
N LYS A 331 2.65 -14.34 9.14
CA LYS A 331 2.32 -15.24 8.04
C LYS A 331 2.97 -14.79 6.74
N ARG A 332 3.01 -13.48 6.49
CA ARG A 332 3.64 -12.97 5.28
C ARG A 332 5.15 -13.24 5.29
N SER A 333 5.78 -13.16 6.46
CA SER A 333 7.20 -13.46 6.55
C SER A 333 7.47 -14.94 6.42
N PHE A 334 6.57 -15.78 6.92
CA PHE A 334 6.73 -17.23 6.78
C PHE A 334 6.56 -17.65 5.32
N GLN A 335 5.58 -17.07 4.62
CA GLN A 335 5.38 -17.42 3.22
C GLN A 335 6.49 -16.87 2.33
N ARG A 336 7.08 -15.74 2.72
CA ARG A 336 8.16 -15.14 1.94
C ARG A 336 9.51 -15.51 2.53
N THR B 4 34.80 22.78 14.65
CA THR B 4 34.22 21.76 13.79
C THR B 4 33.39 22.38 12.67
N LEU B 5 32.12 22.65 12.97
CA LEU B 5 31.22 23.24 11.99
C LEU B 5 31.47 24.74 11.89
N SER B 6 31.40 25.26 10.67
CA SER B 6 31.60 26.69 10.42
C SER B 6 30.32 27.45 10.76
N ALA B 7 30.31 28.76 10.47
CA ALA B 7 29.13 29.57 10.75
C ALA B 7 27.97 29.17 9.85
N GLU B 8 28.24 28.99 8.54
CA GLU B 8 27.18 28.58 7.62
C GLU B 8 26.67 27.20 7.96
N ASP B 9 27.57 26.27 8.32
CA ASP B 9 27.14 24.93 8.70
C ASP B 9 26.30 24.96 9.97
N LYS B 10 26.70 25.77 10.94
CA LYS B 10 25.93 25.89 12.18
C LYS B 10 24.55 26.48 11.91
N ALA B 11 24.48 27.50 11.05
CA ALA B 11 23.19 28.09 10.70
C ALA B 11 22.30 27.07 9.99
N ALA B 12 22.89 26.28 9.09
CA ALA B 12 22.11 25.24 8.40
C ALA B 12 21.61 24.19 9.37
N VAL B 13 22.44 23.79 10.33
CA VAL B 13 22.02 22.80 11.33
C VAL B 13 20.89 23.36 12.18
N GLU B 14 21.00 24.63 12.58
CA GLU B 14 19.94 25.25 13.38
C GLU B 14 18.64 25.34 12.59
N ARG B 15 18.72 25.72 11.31
CA ARG B 15 17.52 25.79 10.48
C ARG B 15 16.89 24.40 10.32
N SER B 16 17.73 23.38 10.14
CA SER B 16 17.20 22.02 10.01
C SER B 16 16.54 21.56 11.30
N LYS B 17 17.13 21.90 12.45
CA LYS B 17 16.51 21.55 13.72
C LYS B 17 15.18 22.26 13.91
N MET B 18 15.11 23.54 13.52
CA MET B 18 13.85 24.27 13.62
C MET B 18 12.78 23.65 12.72
N ILE B 19 13.17 23.28 11.49
CA ILE B 19 12.22 22.66 10.57
C ILE B 19 11.76 21.31 11.11
N GLU B 20 12.67 20.55 11.72
CA GLU B 20 12.30 19.26 12.29
C GLU B 20 11.35 19.43 13.48
N LYS B 21 11.58 20.45 14.31
CA LYS B 21 10.66 20.72 15.41
C LYS B 21 9.30 21.14 14.89
N GLN B 22 9.25 21.96 13.85
CA GLN B 22 7.98 22.35 13.26
C GLN B 22 7.24 21.14 12.70
N LEU B 23 7.96 20.24 12.03
CA LEU B 23 7.34 19.03 11.50
C LEU B 23 6.83 18.13 12.62
N GLN B 24 7.58 18.02 13.72
CA GLN B 24 7.13 17.22 14.85
C GLN B 24 5.89 17.83 15.48
N LYS B 25 5.82 19.16 15.58
CA LYS B 25 4.63 19.81 16.13
C LYS B 25 3.43 19.62 15.21
N ASP B 26 3.65 19.68 13.89
CA ASP B 26 2.55 19.51 12.95
C ASP B 26 2.08 18.05 12.88
N LYS B 27 2.97 17.10 13.20
CA LYS B 27 2.59 15.70 13.17
C LYS B 27 1.51 15.39 14.19
N GLN B 28 1.50 16.10 15.32
CA GLN B 28 0.46 15.88 16.34
C GLN B 28 -0.92 16.20 15.79
N VAL B 29 -1.08 17.39 15.21
CA VAL B 29 -2.38 17.76 14.65
C VAL B 29 -2.68 17.00 13.35
N TYR B 30 -1.65 16.46 12.70
CA TYR B 30 -1.91 15.63 11.53
C TYR B 30 -2.47 14.26 11.92
N ARG B 31 -1.92 13.65 12.97
CA ARG B 31 -2.40 12.36 13.42
C ARG B 31 -3.67 12.46 14.27
N ALA B 32 -3.92 13.62 14.88
CA ALA B 32 -5.12 13.78 15.69
C ALA B 32 -6.37 13.94 14.83
N THR B 33 -6.24 14.64 13.70
CA THR B 33 -7.37 14.85 12.80
C THR B 33 -7.45 13.71 11.79
N HIS B 34 -8.66 13.23 11.55
CA HIS B 34 -8.90 12.15 10.61
C HIS B 34 -9.30 12.71 9.25
N ARG B 35 -9.08 11.90 8.21
CA ARG B 35 -9.37 12.29 6.84
C ARG B 35 -10.24 11.23 6.18
N LEU B 36 -11.36 11.65 5.63
CA LEU B 36 -12.31 10.76 4.97
C LEU B 36 -12.49 11.17 3.52
N LEU B 37 -12.91 10.22 2.69
CA LEU B 37 -13.12 10.45 1.27
C LEU B 37 -14.58 10.19 0.93
N LEU B 38 -15.28 11.22 0.47
CA LEU B 38 -16.69 11.11 0.09
C LEU B 38 -16.78 10.85 -1.41
N LEU B 39 -17.43 9.76 -1.79
CA LEU B 39 -17.60 9.39 -3.19
C LEU B 39 -19.06 9.12 -3.47
N GLY B 40 -19.41 9.19 -4.75
CA GLY B 40 -20.77 8.93 -5.18
C GLY B 40 -20.99 9.39 -6.60
N ALA B 41 -22.13 8.99 -7.14
CA ALA B 41 -22.50 9.34 -8.50
C ALA B 41 -23.10 10.74 -8.52
N ASP B 42 -23.68 11.14 -9.66
CA ASP B 42 -24.28 12.46 -9.78
C ASP B 42 -25.54 12.57 -8.94
N ASN B 43 -26.51 11.67 -9.18
CA ASN B 43 -27.77 11.66 -8.46
C ASN B 43 -27.70 10.86 -7.16
N SER B 44 -26.51 10.62 -6.63
CA SER B 44 -26.33 9.85 -5.40
C SER B 44 -26.51 10.70 -4.14
N GLY B 45 -26.98 11.94 -4.28
CA GLY B 45 -27.19 12.78 -3.12
C GLY B 45 -25.92 13.25 -2.45
N LYS B 46 -24.83 13.38 -3.20
CA LYS B 46 -23.57 13.82 -2.62
C LYS B 46 -23.61 15.29 -2.20
N SER B 47 -24.51 16.09 -2.79
CA SER B 47 -24.61 17.49 -2.44
C SER B 47 -25.24 17.71 -1.07
N THR B 48 -26.02 16.74 -0.59
CA THR B 48 -26.66 16.87 0.72
C THR B 48 -25.83 16.26 1.84
N ILE B 49 -25.12 15.17 1.56
CA ILE B 49 -24.28 14.53 2.58
C ILE B 49 -23.06 15.39 2.87
N VAL B 50 -22.55 16.12 1.87
CA VAL B 50 -21.38 16.96 2.06
C VAL B 50 -21.66 18.19 2.90
N LYS B 51 -22.94 18.51 3.12
CA LYS B 51 -23.32 19.68 3.93
C LYS B 51 -23.12 19.35 5.40
N GLN B 52 -21.86 19.42 5.84
CA GLN B 52 -21.48 19.15 7.22
C GLN B 52 -21.03 20.41 7.95
N MET B 53 -21.53 21.58 7.52
CA MET B 53 -21.15 22.83 8.15
C MET B 53 -21.74 23.01 9.54
N ARG B 54 -22.71 22.17 9.93
CA ARG B 54 -23.33 22.29 11.24
C ARG B 54 -22.43 21.78 12.36
N ILE B 55 -21.36 21.06 12.03
CA ILE B 55 -20.42 20.52 13.01
C ILE B 55 -21.13 19.65 14.04
N ARG B 178 -12.87 28.65 -3.48
CA ARG B 178 -13.70 29.53 -4.30
C ARG B 178 -13.20 29.56 -5.75
N VAL B 179 -13.09 28.38 -6.35
CA VAL B 179 -12.63 28.23 -7.73
C VAL B 179 -13.71 27.52 -8.52
N LYS B 180 -14.05 28.06 -9.70
CA LYS B 180 -15.07 27.45 -10.53
C LYS B 180 -14.62 26.09 -11.06
N THR B 181 -13.34 25.96 -11.39
CA THR B 181 -12.78 24.72 -11.91
C THR B 181 -12.12 23.87 -10.83
N SER B 182 -12.54 24.04 -9.57
CA SER B 182 -11.96 23.27 -8.48
C SER B 182 -12.47 21.83 -8.53
N GLY B 183 -11.55 20.88 -8.65
CA GLY B 183 -11.89 19.48 -8.70
C GLY B 183 -11.87 18.74 -7.39
N ILE B 184 -11.62 19.45 -6.28
CA ILE B 184 -11.57 18.83 -4.97
C ILE B 184 -12.03 19.85 -3.93
N PHE B 185 -12.90 19.43 -3.01
CA PHE B 185 -13.39 20.29 -1.96
C PHE B 185 -13.16 19.61 -0.62
N GLU B 186 -12.93 20.42 0.41
CA GLU B 186 -12.65 19.94 1.76
C GLU B 186 -13.65 20.52 2.73
N THR B 187 -14.19 19.68 3.61
CA THR B 187 -15.13 20.09 4.63
C THR B 187 -14.59 19.67 5.99
N LYS B 188 -14.36 20.64 6.87
CA LYS B 188 -13.82 20.39 8.20
C LYS B 188 -14.95 20.46 9.23
N PHE B 189 -14.99 19.47 10.12
CA PHE B 189 -15.98 19.49 11.20
C PHE B 189 -15.39 18.79 12.41
N GLN B 190 -16.14 18.80 13.51
CA GLN B 190 -15.70 18.22 14.78
C GLN B 190 -16.81 17.39 15.38
N VAL B 191 -16.51 16.14 15.68
CA VAL B 191 -17.44 15.21 16.32
C VAL B 191 -16.76 14.64 17.56
N ASP B 192 -17.39 14.84 18.72
CA ASP B 192 -16.86 14.36 20.00
C ASP B 192 -15.43 14.84 20.22
N LYS B 193 -15.20 16.12 19.93
CA LYS B 193 -13.92 16.83 20.06
C LYS B 193 -12.87 16.32 19.07
N VAL B 194 -13.19 15.34 18.23
CA VAL B 194 -12.26 14.82 17.24
C VAL B 194 -12.52 15.53 15.92
N ASN B 195 -11.46 16.02 15.28
CA ASN B 195 -11.58 16.80 14.06
C ASN B 195 -11.50 15.89 12.85
N PHE B 196 -12.43 16.09 11.91
CA PHE B 196 -12.51 15.29 10.69
C PHE B 196 -12.52 16.21 9.47
N HIS B 197 -11.82 15.78 8.42
CA HIS B 197 -11.77 16.49 7.15
C HIS B 197 -12.25 15.55 6.06
N MET B 198 -13.36 15.89 5.44
CA MET B 198 -13.94 15.09 4.37
C MET B 198 -13.60 15.72 3.02
N PHE B 199 -13.01 14.93 2.13
CA PHE B 199 -12.62 15.39 0.80
C PHE B 199 -13.58 14.82 -0.23
N ASP B 200 -14.15 15.71 -1.05
CA ASP B 200 -15.12 15.33 -2.08
C ASP B 200 -14.56 15.74 -3.44
N VAL B 201 -14.59 14.80 -4.39
CA VAL B 201 -14.08 15.06 -5.73
C VAL B 201 -15.07 15.93 -6.48
N GLY B 202 -14.59 17.04 -7.03
CA GLY B 202 -15.43 17.95 -7.77
C GLY B 202 -15.53 17.62 -9.24
N ALA B 203 -15.22 18.59 -10.09
CA ALA B 203 -15.27 18.39 -11.54
C ALA B 203 -14.15 17.46 -11.98
N GLN B 204 -14.52 16.21 -12.30
CA GLN B 204 -13.55 15.21 -12.71
C GLN B 204 -14.17 14.34 -13.79
N ARG B 205 -13.33 13.91 -14.74
CA ARG B 205 -13.78 13.07 -15.84
C ARG B 205 -14.15 11.68 -15.33
N ASP B 206 -14.67 10.85 -16.23
CA ASP B 206 -15.08 9.50 -15.85
C ASP B 206 -13.90 8.59 -15.54
N GLU B 207 -12.71 8.92 -16.03
CA GLU B 207 -11.52 8.11 -15.76
C GLU B 207 -11.10 8.30 -14.31
N ARG B 208 -11.32 7.27 -13.48
CA ARG B 208 -11.03 7.33 -12.06
C ARG B 208 -10.12 6.19 -11.62
N ARG B 209 -9.20 5.78 -12.49
CA ARG B 209 -8.30 4.66 -12.19
C ARG B 209 -6.90 5.12 -11.81
N LYS B 210 -6.57 6.40 -11.99
CA LYS B 210 -5.22 6.89 -11.71
C LYS B 210 -5.16 7.68 -10.40
N TRP B 211 -6.03 8.69 -10.25
CA TRP B 211 -5.99 9.52 -9.05
C TRP B 211 -6.50 8.80 -7.81
N ILE B 212 -7.31 7.74 -8.00
CA ILE B 212 -7.85 7.01 -6.86
C ILE B 212 -6.76 6.34 -6.05
N GLN B 213 -5.59 6.10 -6.66
CA GLN B 213 -4.47 5.54 -5.92
C GLN B 213 -3.90 6.53 -4.91
N CYS B 214 -4.18 7.83 -5.07
CA CYS B 214 -3.67 8.82 -4.12
C CYS B 214 -4.36 8.69 -2.76
N PHE B 215 -5.62 8.26 -2.74
CA PHE B 215 -6.36 8.11 -1.49
C PHE B 215 -6.13 6.72 -0.89
N ASN B 216 -4.85 6.44 -0.62
CA ASN B 216 -4.45 5.16 -0.04
C ASN B 216 -4.32 5.20 1.47
N ASP B 217 -4.00 6.35 2.05
CA ASP B 217 -3.83 6.50 3.49
C ASP B 217 -5.03 7.15 4.15
N VAL B 218 -6.19 7.17 3.49
CA VAL B 218 -7.38 7.76 4.08
C VAL B 218 -7.92 6.85 5.18
N THR B 219 -8.68 7.46 6.09
CA THR B 219 -9.25 6.70 7.20
C THR B 219 -10.46 5.89 6.76
N ALA B 220 -11.35 6.49 5.97
CA ALA B 220 -12.55 5.79 5.52
C ALA B 220 -13.02 6.41 4.21
N ILE B 221 -13.80 5.61 3.47
CA ILE B 221 -14.37 6.01 2.19
C ILE B 221 -15.88 5.86 2.30
N ILE B 222 -16.58 7.00 2.37
CA ILE B 222 -18.03 7.01 2.46
C ILE B 222 -18.59 7.11 1.03
N PHE B 223 -19.18 6.03 0.55
CA PHE B 223 -19.76 5.97 -0.79
C PHE B 223 -21.27 6.09 -0.68
N VAL B 224 -21.83 7.16 -1.25
CA VAL B 224 -23.26 7.40 -1.17
C VAL B 224 -24.01 6.55 -2.20
N VAL B 225 -25.06 5.87 -1.75
CA VAL B 225 -25.89 5.03 -2.60
C VAL B 225 -27.34 5.42 -2.36
N ASP B 226 -28.03 5.70 -3.47
CA ASP B 226 -29.45 6.07 -3.41
C ASP B 226 -30.25 5.01 -4.09
N SER B 227 -31.14 4.36 -3.35
CA SER B 227 -31.94 3.27 -3.90
C SER B 227 -33.28 3.79 -4.41
N SER B 228 -33.20 4.66 -5.42
CA SER B 228 -34.38 5.23 -6.06
C SER B 228 -34.54 4.81 -7.51
N ASP B 229 -33.46 4.51 -8.22
CA ASP B 229 -33.50 4.06 -9.60
C ASP B 229 -32.76 2.73 -9.68
N TYR B 230 -33.50 1.63 -9.80
CA TYR B 230 -32.88 0.31 -9.82
C TYR B 230 -31.99 0.12 -11.04
N ASN B 231 -32.36 0.73 -12.18
CA ASN B 231 -31.56 0.59 -13.39
C ASN B 231 -30.15 1.15 -13.20
N ARG B 232 -29.98 2.09 -12.28
CA ARG B 232 -28.67 2.65 -11.97
C ARG B 232 -28.08 2.10 -10.69
N LEU B 233 -28.69 1.07 -10.10
CA LEU B 233 -28.17 0.45 -8.89
C LEU B 233 -27.12 -0.61 -9.20
N GLN B 234 -27.46 -1.58 -10.05
CA GLN B 234 -26.54 -2.66 -10.39
C GLN B 234 -25.22 -2.11 -10.89
N GLU B 235 -25.27 -1.15 -11.81
CA GLU B 235 -24.05 -0.48 -12.28
C GLU B 235 -23.26 0.08 -11.12
N ALA B 236 -23.93 0.80 -10.21
CA ALA B 236 -23.27 1.32 -9.02
C ALA B 236 -22.64 0.20 -8.21
N LEU B 237 -23.34 -0.90 -8.03
CA LEU B 237 -22.80 -2.00 -7.27
C LEU B 237 -21.51 -2.35 -7.87
N ASN B 238 -21.32 -2.03 -9.12
CA ASN B 238 -20.07 -2.34 -9.81
C ASN B 238 -19.03 -1.35 -9.44
N ASP B 239 -19.40 -0.24 -8.85
CA ASP B 239 -18.40 0.68 -8.39
C ASP B 239 -18.03 0.16 -7.06
N PHE B 240 -18.95 -0.34 -6.28
CA PHE B 240 -18.53 -0.88 -5.02
C PHE B 240 -17.58 -2.03 -5.30
N LYS B 241 -17.75 -2.79 -6.37
CA LYS B 241 -16.82 -3.88 -6.56
C LYS B 241 -15.57 -3.49 -7.22
N SER B 242 -15.32 -2.22 -7.41
CA SER B 242 -14.05 -1.80 -7.91
C SER B 242 -13.45 -1.14 -6.71
N ILE B 243 -14.25 -0.46 -5.87
CA ILE B 243 -13.73 0.06 -4.61
C ILE B 243 -13.24 -1.08 -3.71
N TRP B 244 -13.79 -2.28 -3.88
CA TRP B 244 -13.46 -3.40 -3.00
C TRP B 244 -12.39 -4.32 -3.57
N ASN B 245 -12.45 -4.62 -4.87
CA ASN B 245 -11.47 -5.49 -5.50
C ASN B 245 -10.25 -4.73 -6.02
N ASN B 246 -10.06 -3.49 -5.59
CA ASN B 246 -8.88 -2.73 -5.99
C ASN B 246 -7.63 -3.29 -5.33
N ARG B 247 -6.52 -3.31 -6.08
CA ARG B 247 -5.29 -3.87 -5.55
C ARG B 247 -4.69 -2.98 -4.47
N TRP B 248 -4.76 -1.67 -4.64
CA TRP B 248 -4.20 -0.73 -3.68
C TRP B 248 -5.17 -0.33 -2.59
N LEU B 249 -6.47 -0.27 -2.89
CA LEU B 249 -7.50 0.10 -1.92
C LEU B 249 -8.13 -1.12 -1.26
N ARG B 250 -7.39 -2.22 -1.12
CA ARG B 250 -7.91 -3.43 -0.51
C ARG B 250 -7.81 -3.41 1.01
N THR B 251 -7.18 -2.40 1.60
CA THR B 251 -7.02 -2.30 3.04
C THR B 251 -7.74 -1.10 3.63
N ILE B 252 -8.62 -0.45 2.88
CA ILE B 252 -9.37 0.70 3.33
C ILE B 252 -10.84 0.31 3.43
N SER B 253 -11.43 0.51 4.60
CA SER B 253 -12.83 0.18 4.80
C SER B 253 -13.73 1.16 4.06
N VAL B 254 -14.93 0.70 3.72
CA VAL B 254 -15.91 1.49 2.99
C VAL B 254 -17.16 1.62 3.84
N ILE B 255 -17.62 2.86 4.02
CA ILE B 255 -18.83 3.15 4.77
C ILE B 255 -20.00 3.26 3.80
N LEU B 256 -20.96 2.35 3.92
CA LEU B 256 -22.09 2.29 3.01
C LEU B 256 -23.27 3.05 3.62
N PHE B 257 -23.80 4.01 2.88
CA PHE B 257 -24.97 4.79 3.30
C PHE B 257 -26.06 4.62 2.26
N LEU B 258 -27.15 3.94 2.63
CA LEU B 258 -28.30 3.76 1.75
C LEU B 258 -29.19 4.98 1.90
N ASN B 259 -28.86 6.02 1.14
CA ASN B 259 -29.54 7.31 1.25
C ASN B 259 -30.89 7.27 0.55
N LYS B 260 -31.79 8.15 1.00
CA LYS B 260 -33.11 8.35 0.41
C LYS B 260 -33.93 7.05 0.43
N GLN B 261 -34.22 6.58 1.64
CA GLN B 261 -35.10 5.43 1.82
C GLN B 261 -36.56 5.79 1.67
N ASP B 262 -36.93 7.05 1.88
CA ASP B 262 -38.32 7.46 1.73
C ASP B 262 -38.79 7.32 0.29
N LEU B 263 -37.91 7.62 -0.67
CA LEU B 263 -38.28 7.47 -2.08
C LEU B 263 -38.53 6.01 -2.41
N LEU B 264 -37.68 5.11 -1.93
CA LEU B 264 -37.90 3.68 -2.16
C LEU B 264 -39.17 3.21 -1.49
N ALA B 265 -39.46 3.71 -0.29
CA ALA B 265 -40.70 3.33 0.40
C ALA B 265 -41.92 3.79 -0.39
N GLU B 266 -41.90 5.03 -0.88
CA GLU B 266 -43.03 5.53 -1.67
C GLU B 266 -43.18 4.75 -2.98
N LYS B 267 -42.06 4.41 -3.63
CA LYS B 267 -42.13 3.64 -4.86
C LYS B 267 -42.67 2.23 -4.61
N VAL B 268 -42.33 1.63 -3.47
CA VAL B 268 -42.85 0.30 -3.16
C VAL B 268 -44.32 0.36 -2.80
N LEU B 269 -44.74 1.42 -2.08
CA LEU B 269 -46.15 1.55 -1.73
C LEU B 269 -47.01 1.91 -2.93
N ALA B 270 -46.41 2.54 -3.95
CA ALA B 270 -47.17 2.90 -5.14
C ALA B 270 -47.50 1.66 -5.97
N GLY B 271 -46.48 0.86 -6.31
CA GLY B 271 -46.67 -0.34 -7.09
C GLY B 271 -46.38 -0.21 -8.57
N LYS B 272 -45.91 0.94 -9.03
CA LYS B 272 -45.63 1.12 -10.45
C LYS B 272 -44.37 0.37 -10.86
N SER B 273 -43.24 0.70 -10.24
CA SER B 273 -41.98 0.05 -10.54
C SER B 273 -41.82 -1.21 -9.70
N LYS B 274 -41.50 -2.32 -10.36
CA LYS B 274 -41.33 -3.61 -9.69
C LYS B 274 -39.85 -3.90 -9.51
N ILE B 275 -39.51 -4.44 -8.34
CA ILE B 275 -38.12 -4.78 -8.07
C ILE B 275 -37.71 -6.05 -8.81
N GLU B 276 -38.63 -6.99 -9.00
CA GLU B 276 -38.32 -8.22 -9.69
C GLU B 276 -37.96 -8.01 -11.16
N ASP B 277 -38.36 -6.87 -11.74
CA ASP B 277 -38.04 -6.60 -13.14
C ASP B 277 -36.55 -6.35 -13.33
N TYR B 278 -35.87 -5.86 -12.29
CA TYR B 278 -34.44 -5.61 -12.36
C TYR B 278 -33.59 -6.60 -11.58
N PHE B 279 -34.16 -7.26 -10.57
CA PHE B 279 -33.42 -8.22 -9.76
C PHE B 279 -34.27 -9.46 -9.52
N PRO B 280 -33.97 -10.59 -10.16
CA PRO B 280 -34.77 -11.80 -9.92
C PRO B 280 -34.59 -12.38 -8.53
N GLU B 281 -33.45 -12.16 -7.90
CA GLU B 281 -33.21 -12.69 -6.55
C GLU B 281 -34.19 -12.12 -5.54
N PHE B 282 -34.75 -10.94 -5.81
CA PHE B 282 -35.77 -10.38 -4.92
C PHE B 282 -37.05 -11.19 -4.92
N ALA B 283 -37.30 -11.98 -5.97
CA ALA B 283 -38.51 -12.78 -6.03
C ALA B 283 -38.47 -13.97 -5.10
N ARG B 284 -37.28 -14.39 -4.66
CA ARG B 284 -37.13 -15.54 -3.77
C ARG B 284 -36.41 -15.20 -2.48
N TYR B 285 -36.10 -13.93 -2.23
CA TYR B 285 -35.39 -13.54 -1.02
C TYR B 285 -36.35 -13.53 0.16
N THR B 286 -35.83 -13.91 1.33
CA THR B 286 -36.61 -13.98 2.56
C THR B 286 -35.99 -13.07 3.61
N THR B 287 -36.84 -12.54 4.48
CA THR B 287 -36.37 -11.65 5.54
C THR B 287 -35.56 -12.45 6.56
N PRO B 288 -34.33 -12.04 6.87
CA PRO B 288 -33.53 -12.77 7.86
C PRO B 288 -34.06 -12.59 9.27
N GLU B 289 -33.63 -13.49 10.15
CA GLU B 289 -34.06 -13.44 11.55
C GLU B 289 -33.46 -12.27 12.31
N ASP B 290 -32.31 -11.76 11.86
CA ASP B 290 -31.65 -10.64 12.52
C ASP B 290 -32.23 -9.29 12.13
N ALA B 291 -33.38 -9.27 11.46
CA ALA B 291 -33.98 -8.00 11.06
C ALA B 291 -34.58 -7.29 12.25
N THR B 292 -34.39 -5.97 12.31
CA THR B 292 -34.92 -5.14 13.39
C THR B 292 -35.51 -3.87 12.77
N PRO B 293 -36.74 -3.95 12.28
CA PRO B 293 -37.37 -2.78 11.67
C PRO B 293 -37.90 -1.81 12.72
N GLU B 294 -38.04 -0.55 12.31
CA GLU B 294 -38.57 0.46 13.21
C GLU B 294 -40.06 0.26 13.41
N PRO B 295 -40.57 0.56 14.60
CA PRO B 295 -42.01 0.38 14.87
C PRO B 295 -42.84 1.36 14.06
N GLY B 296 -43.69 0.82 13.18
CA GLY B 296 -44.56 1.61 12.34
C GLY B 296 -44.24 1.53 10.86
N GLU B 297 -43.15 0.89 10.47
CA GLU B 297 -42.77 0.78 9.08
C GLU B 297 -43.39 -0.47 8.45
N ASP B 298 -43.67 -0.38 7.16
CA ASP B 298 -44.23 -1.51 6.44
C ASP B 298 -43.18 -2.60 6.29
N PRO B 299 -43.54 -3.87 6.49
CA PRO B 299 -42.55 -4.95 6.33
C PRO B 299 -41.99 -5.06 4.93
N ARG B 300 -42.69 -4.55 3.91
CA ARG B 300 -42.21 -4.66 2.54
C ARG B 300 -40.97 -3.81 2.32
N VAL B 301 -40.97 -2.57 2.80
CA VAL B 301 -39.79 -1.72 2.64
C VAL B 301 -38.63 -2.26 3.46
N THR B 302 -38.91 -2.90 4.60
CA THR B 302 -37.85 -3.54 5.38
C THR B 302 -37.25 -4.71 4.62
N ARG B 303 -38.09 -5.56 4.03
CA ARG B 303 -37.58 -6.66 3.22
C ARG B 303 -36.76 -6.13 2.05
N ALA B 304 -37.21 -5.04 1.43
CA ALA B 304 -36.48 -4.47 0.29
C ALA B 304 -35.11 -3.95 0.71
N LYS B 305 -35.06 -3.19 1.81
CA LYS B 305 -33.78 -2.64 2.25
C LYS B 305 -32.84 -3.74 2.74
N TYR B 306 -33.38 -4.80 3.36
CA TYR B 306 -32.52 -5.91 3.76
C TYR B 306 -32.02 -6.70 2.56
N PHE B 307 -32.84 -6.81 1.50
CA PHE B 307 -32.37 -7.43 0.27
C PHE B 307 -31.25 -6.62 -0.36
N ILE B 308 -31.39 -5.28 -0.35
CA ILE B 308 -30.33 -4.42 -0.86
C ILE B 308 -29.06 -4.58 -0.03
N ARG B 309 -29.20 -4.64 1.29
CA ARG B 309 -28.04 -4.84 2.15
C ARG B 309 -27.37 -6.18 1.88
N ASP B 310 -28.16 -7.19 1.57
CA ASP B 310 -27.56 -8.47 1.33
C ASP B 310 -26.84 -8.43 0.02
N GLU B 311 -27.45 -7.83 -0.99
CA GLU B 311 -26.79 -7.72 -2.28
C GLU B 311 -25.47 -6.97 -2.17
N PHE B 312 -25.42 -5.97 -1.29
CA PHE B 312 -24.16 -5.27 -1.06
C PHE B 312 -23.16 -6.16 -0.32
N LEU B 313 -23.64 -6.96 0.63
CA LEU B 313 -22.75 -7.82 1.40
C LEU B 313 -22.19 -8.95 0.57
N ARG B 314 -22.97 -9.48 -0.38
CA ARG B 314 -22.45 -10.53 -1.25
C ARG B 314 -21.28 -10.05 -2.09
N ILE B 315 -21.18 -8.74 -2.33
CA ILE B 315 -20.06 -8.17 -3.06
C ILE B 315 -18.94 -7.78 -2.09
N SER B 316 -19.29 -7.24 -0.93
CA SER B 316 -18.29 -6.80 0.03
C SER B 316 -17.62 -7.95 0.78
N THR B 317 -18.14 -9.17 0.67
CA THR B 317 -17.56 -10.33 1.33
C THR B 317 -16.83 -11.26 0.37
N ALA B 318 -16.78 -10.92 -0.93
CA ALA B 318 -16.08 -11.75 -1.90
C ALA B 318 -14.57 -11.54 -1.88
N SER B 319 -14.07 -10.58 -1.10
CA SER B 319 -12.64 -10.31 -1.03
C SER B 319 -12.34 -9.67 0.31
N GLY B 320 -11.07 -9.75 0.71
CA GLY B 320 -10.62 -9.17 1.96
C GLY B 320 -10.67 -10.15 3.13
N ASP B 321 -11.71 -10.03 3.96
CA ASP B 321 -11.91 -10.90 5.12
C ASP B 321 -10.70 -10.84 6.07
N GLY B 322 -10.49 -9.65 6.61
CA GLY B 322 -9.38 -9.43 7.53
C GLY B 322 -8.66 -8.12 7.30
N ARG B 323 -8.66 -7.64 6.05
CA ARG B 323 -8.01 -6.39 5.72
C ARG B 323 -8.93 -5.18 5.92
N HIS B 324 -10.18 -5.29 5.47
CA HIS B 324 -11.13 -4.19 5.63
C HIS B 324 -12.55 -4.77 5.62
N TYR B 325 -13.48 -3.99 6.16
CA TYR B 325 -14.87 -4.39 6.26
C TYR B 325 -15.76 -3.25 5.77
N CYS B 326 -17.08 -3.48 5.81
CA CYS B 326 -18.06 -2.51 5.38
C CYS B 326 -18.96 -2.13 6.56
N TYR B 327 -19.57 -0.94 6.45
CA TYR B 327 -20.45 -0.41 7.48
C TYR B 327 -21.73 0.07 6.82
N PRO B 328 -22.71 -0.82 6.63
CA PRO B 328 -23.97 -0.41 6.01
C PRO B 328 -24.87 0.34 7.00
N HIS B 329 -25.56 1.35 6.48
CA HIS B 329 -26.47 2.15 7.28
C HIS B 329 -27.66 2.56 6.41
N PHE B 330 -28.71 3.04 7.08
CA PHE B 330 -29.94 3.46 6.42
C PHE B 330 -30.18 4.93 6.73
N THR B 331 -29.88 5.80 5.77
CA THR B 331 -30.04 7.24 5.92
C THR B 331 -31.13 7.75 4.97
N CYS B 332 -31.51 9.01 5.17
CA CYS B 332 -32.53 9.64 4.33
C CYS B 332 -32.15 11.07 3.96
N SER B 333 -30.86 11.42 4.03
CA SER B 333 -30.30 12.72 3.70
C SER B 333 -30.71 13.82 4.67
N VAL B 334 -31.58 13.53 5.64
CA VAL B 334 -31.98 14.49 6.67
C VAL B 334 -31.87 13.76 8.00
N ASP B 335 -30.73 13.90 8.67
CA ASP B 335 -30.49 13.25 9.95
C ASP B 335 -29.52 14.09 10.77
N THR B 336 -29.73 14.08 12.08
CA THR B 336 -28.87 14.80 13.01
C THR B 336 -27.96 13.87 13.80
N GLU B 337 -27.95 12.58 13.47
CA GLU B 337 -27.13 11.60 14.18
C GLU B 337 -26.15 10.88 13.26
N ASN B 338 -25.96 11.36 12.03
CA ASN B 338 -25.00 10.72 11.13
C ASN B 338 -23.57 10.95 11.61
N ALA B 339 -23.30 12.08 12.26
CA ALA B 339 -21.96 12.35 12.77
C ALA B 339 -21.56 11.32 13.82
N ARG B 340 -22.51 10.89 14.65
CA ARG B 340 -22.22 9.87 15.65
C ARG B 340 -21.84 8.55 14.99
N ARG B 341 -22.58 8.15 13.93
CA ARG B 341 -22.24 6.93 13.22
C ARG B 341 -20.89 7.04 12.55
N ILE B 342 -20.57 8.21 11.99
CA ILE B 342 -19.27 8.40 11.35
C ILE B 342 -18.15 8.28 12.37
N PHE B 343 -18.32 8.91 13.55
CA PHE B 343 -17.31 8.82 14.59
C PHE B 343 -17.15 7.39 15.09
N ASN B 344 -18.27 6.66 15.23
CA ASN B 344 -18.18 5.28 15.68
C ASN B 344 -17.46 4.40 14.65
N ASP B 345 -17.74 4.62 13.35
CA ASP B 345 -17.05 3.86 12.33
C ASP B 345 -15.56 4.19 12.30
N VAL B 346 -15.21 5.46 12.51
CA VAL B 346 -13.80 5.83 12.55
C VAL B 346 -13.11 5.18 13.74
N THR B 347 -13.78 5.16 14.89
CA THR B 347 -13.19 4.51 16.07
C THR B 347 -13.03 3.01 15.85
N ASP B 348 -14.00 2.38 15.18
CA ASP B 348 -13.90 0.95 14.89
C ASP B 348 -12.73 0.68 13.94
N ILE B 349 -12.57 1.52 12.92
CA ILE B 349 -11.43 1.35 11.99
C ILE B 349 -10.12 1.53 12.73
N ILE B 350 -10.06 2.50 13.65
CA ILE B 350 -8.84 2.75 14.39
C ILE B 350 -8.48 1.57 15.28
N ILE B 351 -9.47 1.03 16.00
CA ILE B 351 -9.18 -0.09 16.89
C ILE B 351 -8.84 -1.35 16.08
N LYS B 352 -9.46 -1.52 14.90
CA LYS B 352 -9.09 -2.65 14.06
C LYS B 352 -7.67 -2.52 13.54
N MET B 353 -7.27 -1.31 13.14
CA MET B 353 -5.89 -1.09 12.70
C MET B 353 -4.90 -1.32 13.85
N ASN B 354 -5.28 -0.92 15.06
CA ASN B 354 -4.42 -1.14 16.21
C ASN B 354 -4.28 -2.61 16.53
N LEU B 355 -5.38 -3.38 16.42
CA LEU B 355 -5.31 -4.81 16.64
C LEU B 355 -4.51 -5.52 15.55
N ARG B 356 -4.60 -5.03 14.32
CA ARG B 356 -3.84 -5.66 13.22
C ARG B 356 -2.35 -5.34 13.33
N ASP B 357 -2.01 -4.13 13.77
CA ASP B 357 -0.60 -3.76 13.89
C ASP B 357 0.08 -4.50 15.02
N CYS B 358 -0.60 -4.66 16.15
CA CYS B 358 -0.03 -5.35 17.30
C CYS B 358 0.00 -6.86 17.14
N GLY B 359 -0.54 -7.40 16.04
CA GLY B 359 -0.53 -8.82 15.82
C GLY B 359 -1.55 -9.61 16.61
N LEU B 360 -2.23 -8.88 17.50
CA LEU B 360 -3.22 -9.48 18.37
C LEU B 360 -4.24 -10.03 17.46
N PHE B 361 -4.58 -9.30 16.42
CA PHE B 361 -5.48 -9.84 15.46
C PHE B 361 -4.68 -10.90 14.78
N GLN C 17 -18.26 7.22 -41.85
CA GLN C 17 -18.23 8.33 -42.78
C GLN C 17 -16.85 8.48 -43.42
N LEU C 18 -15.83 8.74 -42.60
CA LEU C 18 -14.47 8.90 -43.11
C LEU C 18 -13.55 7.91 -42.43
N ARG C 19 -14.12 6.98 -41.68
CA ARG C 19 -13.31 6.03 -40.93
C ARG C 19 -12.41 5.21 -41.86
N GLN C 20 -12.87 4.95 -43.09
CA GLN C 20 -12.05 4.20 -44.04
C GLN C 20 -10.79 4.97 -44.41
N GLU C 21 -10.88 6.30 -44.50
CA GLU C 21 -9.70 7.11 -44.79
C GLU C 21 -8.70 7.02 -43.65
N ALA C 22 -9.17 7.10 -42.40
CA ALA C 22 -8.27 6.98 -41.26
C ALA C 22 -7.64 5.59 -41.20
N GLU C 23 -8.42 4.55 -41.53
CA GLU C 23 -7.87 3.20 -41.53
C GLU C 23 -6.81 3.05 -42.62
N GLN C 24 -7.05 3.62 -43.80
CA GLN C 24 -6.06 3.57 -44.87
C GLN C 24 -4.80 4.33 -44.50
N LEU C 25 -4.94 5.48 -43.84
CA LEU C 25 -3.77 6.23 -43.41
C LEU C 25 -2.97 5.47 -42.36
N LYS C 26 -3.67 4.83 -41.41
CA LYS C 26 -2.97 4.03 -40.41
C LYS C 26 -2.24 2.85 -41.05
N ASN C 27 -2.88 2.19 -42.03
CA ASN C 27 -2.23 1.09 -42.71
C ASN C 27 -1.01 1.56 -43.50
N GLN C 28 -1.11 2.73 -44.13
CA GLN C 28 0.03 3.26 -44.87
C GLN C 28 1.18 3.60 -43.92
N ILE C 29 0.87 4.20 -42.77
CA ILE C 29 1.91 4.52 -41.79
C ILE C 29 2.56 3.24 -41.28
N ARG C 30 1.76 2.21 -41.02
CA ARG C 30 2.30 0.95 -40.54
C ARG C 30 3.21 0.30 -41.58
N ASP C 31 2.79 0.30 -42.85
CA ASP C 31 3.62 -0.26 -43.90
C ASP C 31 4.90 0.54 -44.10
N ALA C 32 4.83 1.87 -43.95
CA ALA C 32 6.02 2.68 -44.08
C ALA C 32 6.99 2.42 -42.93
N ARG C 33 6.48 2.26 -41.72
CA ARG C 33 7.35 1.95 -40.58
C ARG C 33 7.94 0.55 -40.68
N LYS C 34 7.19 -0.39 -41.27
CA LYS C 34 7.70 -1.75 -41.41
C LYS C 34 8.74 -1.84 -42.52
N ALA C 35 8.56 -1.07 -43.61
CA ALA C 35 9.52 -1.12 -44.71
C ALA C 35 10.86 -0.52 -44.32
N CYS C 36 10.86 0.48 -43.43
CA CYS C 36 12.10 1.10 -42.99
C CYS C 36 12.79 0.33 -41.87
N ALA C 37 12.23 -0.79 -41.44
CA ALA C 37 12.82 -1.60 -40.37
C ALA C 37 13.86 -2.54 -40.97
N ASP C 38 15.05 -1.99 -41.19
CA ASP C 38 16.15 -2.78 -41.74
C ASP C 38 16.65 -3.79 -40.72
N ALA C 39 17.09 -3.31 -39.56
CA ALA C 39 17.57 -4.17 -38.49
C ALA C 39 17.07 -3.64 -37.16
N THR C 40 17.20 -4.46 -36.12
CA THR C 40 16.76 -4.09 -34.78
C THR C 40 17.93 -3.53 -33.98
N LEU C 41 17.58 -2.88 -32.86
CA LEU C 41 18.61 -2.31 -32.00
C LEU C 41 19.45 -3.38 -31.32
N SER C 42 18.85 -4.54 -31.01
CA SER C 42 19.57 -5.63 -30.39
C SER C 42 20.44 -6.41 -31.37
N GLN C 43 20.33 -6.14 -32.66
CA GLN C 43 21.14 -6.82 -33.67
C GLN C 43 22.32 -6.00 -34.15
N ILE C 44 22.20 -4.67 -34.18
CA ILE C 44 23.31 -3.83 -34.61
C ILE C 44 24.42 -3.82 -33.56
N THR C 45 24.04 -3.67 -32.29
CA THR C 45 24.99 -3.65 -31.18
C THR C 45 24.75 -4.91 -30.35
N ASN C 46 25.46 -5.98 -30.70
CA ASN C 46 25.34 -7.25 -29.99
C ASN C 46 26.72 -7.75 -29.57
N ASN C 47 27.75 -7.34 -30.29
CA ASN C 47 29.12 -7.75 -29.98
C ASN C 47 29.74 -6.92 -28.85
N ILE C 48 29.01 -5.96 -28.28
CA ILE C 48 29.55 -5.15 -27.21
C ILE C 48 29.68 -6.01 -25.95
N ASP C 49 30.66 -5.66 -25.12
CA ASP C 49 30.89 -6.41 -23.88
C ASP C 49 29.74 -6.15 -22.92
N PRO C 50 29.35 -7.16 -22.12
CA PRO C 50 28.26 -6.97 -21.16
C PRO C 50 28.62 -5.93 -20.11
N VAL C 51 27.59 -5.23 -19.62
CA VAL C 51 27.81 -4.20 -18.60
C VAL C 51 28.12 -4.84 -17.25
N GLY C 52 27.64 -6.06 -17.02
CA GLY C 52 27.87 -6.74 -15.77
C GLY C 52 26.91 -6.30 -14.67
N ARG C 53 26.99 -6.99 -13.54
CA ARG C 53 26.14 -6.70 -12.40
C ARG C 53 26.55 -5.37 -11.79
N ILE C 54 25.69 -4.36 -11.94
CA ILE C 54 25.94 -3.03 -11.40
C ILE C 54 25.39 -3.00 -9.98
N GLN C 55 26.26 -3.22 -9.00
CA GLN C 55 25.87 -3.23 -7.59
C GLN C 55 25.93 -1.81 -7.04
N MET C 56 24.81 -1.32 -6.53
CA MET C 56 24.71 0.00 -5.95
C MET C 56 24.41 -0.09 -4.46
N ARG C 57 24.91 0.88 -3.71
CA ARG C 57 24.72 0.92 -2.27
C ARG C 57 24.12 2.27 -1.86
N THR C 58 23.47 2.27 -0.71
CA THR C 58 22.82 3.47 -0.19
C THR C 58 23.86 4.38 0.46
N ARG C 59 23.88 5.65 0.04
CA ARG C 59 24.78 6.64 0.59
C ARG C 59 24.11 7.57 1.59
N ARG C 60 22.89 8.02 1.29
CA ARG C 60 22.15 8.92 2.16
C ARG C 60 20.74 8.42 2.34
N THR C 61 20.20 8.60 3.55
CA THR C 61 18.83 8.20 3.88
C THR C 61 18.09 9.42 4.39
N LEU C 62 17.17 9.94 3.57
CA LEU C 62 16.40 11.12 3.90
C LEU C 62 15.04 10.70 4.45
N ARG C 63 14.75 11.10 5.69
CA ARG C 63 13.48 10.78 6.33
C ARG C 63 12.96 12.04 7.02
N GLY C 64 11.66 12.04 7.29
CA GLY C 64 11.03 13.17 7.95
C GLY C 64 9.64 13.48 7.44
N HIS C 65 9.27 12.91 6.29
CA HIS C 65 7.95 13.13 5.73
C HIS C 65 6.88 12.45 6.59
N LEU C 66 5.71 13.07 6.64
CA LEU C 66 4.61 12.58 7.45
C LEU C 66 3.59 11.76 6.66
N ALA C 67 3.63 11.80 5.33
CA ALA C 67 2.69 11.06 4.50
C ALA C 67 3.48 10.37 3.39
N LYS C 68 2.74 9.77 2.46
CA LYS C 68 3.37 9.03 1.37
C LYS C 68 3.98 10.00 0.37
N ILE C 69 5.29 9.86 0.13
CA ILE C 69 5.96 10.69 -0.86
C ILE C 69 5.50 10.29 -2.26
N TYR C 70 5.19 11.28 -3.09
CA TYR C 70 4.64 11.05 -4.42
C TYR C 70 5.57 11.42 -5.55
N ALA C 71 6.28 12.54 -5.46
CA ALA C 71 7.13 12.97 -6.57
C ALA C 71 8.39 13.62 -6.02
N MET C 72 9.40 13.71 -6.89
CA MET C 72 10.65 14.38 -6.55
C MET C 72 11.28 14.90 -7.82
N HIS C 73 12.20 15.85 -7.65
CA HIS C 73 12.87 16.46 -8.81
C HIS C 73 14.20 17.04 -8.36
N TRP C 74 15.26 16.73 -9.10
CA TRP C 74 16.59 17.27 -8.84
C TRP C 74 16.77 18.61 -9.54
N GLY C 75 17.55 19.49 -8.92
CA GLY C 75 17.86 20.78 -9.48
C GLY C 75 18.97 20.69 -10.51
N THR C 76 19.46 21.88 -10.90
CA THR C 76 20.55 21.99 -11.85
C THR C 76 21.90 22.19 -11.18
N ASP C 77 22.04 21.72 -9.94
CA ASP C 77 23.29 21.84 -9.20
C ASP C 77 23.72 20.55 -8.51
N SER C 78 22.88 19.50 -8.53
CA SER C 78 23.19 18.23 -7.88
C SER C 78 23.48 18.39 -6.39
N ARG C 79 22.85 19.38 -5.76
CA ARG C 79 23.05 19.62 -4.34
C ARG C 79 21.71 19.74 -3.62
N LEU C 80 20.68 20.18 -4.33
CA LEU C 80 19.36 20.36 -3.76
C LEU C 80 18.33 19.58 -4.57
N LEU C 81 17.33 19.03 -3.88
CA LEU C 81 16.27 18.28 -4.53
C LEU C 81 14.94 18.60 -3.86
N VAL C 82 13.91 18.81 -4.67
CA VAL C 82 12.57 19.12 -4.17
C VAL C 82 11.75 17.83 -4.14
N SER C 83 10.88 17.70 -3.14
CA SER C 83 10.06 16.52 -2.97
C SER C 83 8.65 16.94 -2.61
N ALA C 84 7.66 16.25 -3.20
CA ALA C 84 6.24 16.53 -2.97
C ALA C 84 5.57 15.26 -2.48
N SER C 85 5.07 15.31 -1.25
CA SER C 85 4.36 14.20 -0.61
C SER C 85 2.89 14.56 -0.43
N GLN C 86 2.12 13.58 0.02
CA GLN C 86 0.67 13.77 0.21
C GLN C 86 0.36 14.33 1.59
N ASP C 87 1.06 15.39 1.98
CA ASP C 87 0.79 16.06 3.25
C ASP C 87 0.76 17.57 3.14
N GLY C 88 1.00 18.13 1.95
CA GLY C 88 0.95 19.58 1.79
C GLY C 88 2.18 20.31 2.30
N LYS C 89 3.35 19.68 2.23
CA LYS C 89 4.59 20.32 2.67
C LYS C 89 5.71 19.94 1.72
N LEU C 90 6.49 20.94 1.30
CA LEU C 90 7.63 20.74 0.42
C LEU C 90 8.91 20.98 1.20
N ILE C 91 9.88 20.08 1.03
CA ILE C 91 11.16 20.15 1.73
C ILE C 91 12.27 20.10 0.70
N ILE C 92 13.15 21.10 0.71
CA ILE C 92 14.29 21.17 -0.19
C ILE C 92 15.43 20.41 0.48
N TRP C 93 15.58 19.13 0.13
CA TRP C 93 16.60 18.29 0.73
C TRP C 93 17.97 18.56 0.11
N ASP C 94 19.00 18.43 0.94
CA ASP C 94 20.39 18.59 0.51
C ASP C 94 21.07 17.22 0.59
N SER C 95 21.57 16.75 -0.56
CA SER C 95 22.18 15.44 -0.63
C SER C 95 23.59 15.39 -0.04
N TYR C 96 24.26 16.53 0.08
CA TYR C 96 25.63 16.54 0.57
C TYR C 96 25.69 16.54 2.09
N THR C 97 24.95 17.43 2.73
CA THR C 97 24.98 17.57 4.18
C THR C 97 23.84 16.85 4.88
N THR C 98 22.90 16.26 4.12
CA THR C 98 21.76 15.53 4.68
C THR C 98 20.96 16.41 5.64
N ASN C 99 20.67 17.63 5.19
CA ASN C 99 19.94 18.61 5.98
C ASN C 99 18.81 19.21 5.15
N LYS C 100 17.92 19.92 5.84
CA LYS C 100 16.79 20.57 5.20
C LYS C 100 17.10 22.06 5.01
N VAL C 101 16.78 22.58 3.82
CA VAL C 101 17.09 23.95 3.47
C VAL C 101 15.85 24.84 3.53
N HIS C 102 14.72 24.36 3.05
CA HIS C 102 13.49 25.14 3.05
C HIS C 102 12.30 24.24 3.40
N ALA C 103 11.30 24.84 4.03
CA ALA C 103 10.05 24.16 4.39
C ALA C 103 8.90 25.03 3.90
N ILE C 104 8.24 24.59 2.84
CA ILE C 104 7.15 25.35 2.22
C ILE C 104 5.84 24.69 2.59
N PRO C 105 5.01 25.30 3.43
CA PRO C 105 3.68 24.74 3.71
C PRO C 105 2.70 25.06 2.59
N LEU C 106 2.09 24.02 2.04
CA LEU C 106 1.15 24.18 0.94
C LEU C 106 -0.27 24.34 1.45
N ARG C 107 -1.12 24.94 0.61
CA ARG C 107 -2.52 25.12 0.95
C ARG C 107 -3.36 23.88 0.67
N SER C 108 -2.79 22.86 0.06
CA SER C 108 -3.50 21.63 -0.24
C SER C 108 -2.58 20.44 0.00
N SER C 109 -3.13 19.37 0.58
CA SER C 109 -2.35 18.19 0.93
C SER C 109 -2.32 17.15 -0.17
N TRP C 110 -3.12 17.30 -1.22
CA TRP C 110 -3.20 16.33 -2.32
C TRP C 110 -2.47 16.90 -3.53
N VAL C 111 -1.17 16.65 -3.60
CA VAL C 111 -0.36 17.05 -4.74
C VAL C 111 0.15 15.80 -5.43
N MET C 112 0.47 15.96 -6.72
CA MET C 112 0.90 14.83 -7.55
C MET C 112 2.14 15.12 -8.39
N THR C 113 2.65 16.35 -8.38
CA THR C 113 3.80 16.69 -9.19
C THR C 113 4.56 17.85 -8.55
N CYS C 114 5.83 17.98 -8.92
CA CYS C 114 6.68 19.06 -8.44
C CYS C 114 7.78 19.30 -9.45
N ALA C 115 8.44 20.45 -9.33
CA ALA C 115 9.50 20.82 -10.25
C ALA C 115 10.44 21.80 -9.55
N TYR C 116 11.62 21.98 -10.15
CA TYR C 116 12.63 22.90 -9.65
C TYR C 116 13.16 23.73 -10.81
N ALA C 117 13.11 25.04 -10.66
CA ALA C 117 13.58 25.93 -11.71
C ALA C 117 15.08 25.77 -11.93
N PRO C 118 15.56 25.98 -13.16
CA PRO C 118 17.00 25.87 -13.39
C PRO C 118 17.82 26.85 -12.59
N SER C 119 17.34 28.09 -12.42
CA SER C 119 18.04 29.09 -11.63
C SER C 119 17.89 28.88 -10.13
N GLY C 120 17.00 27.98 -9.71
CA GLY C 120 16.79 27.74 -8.30
C GLY C 120 16.03 28.82 -7.58
N ASN C 121 15.21 29.60 -8.30
CA ASN C 121 14.46 30.69 -7.71
C ASN C 121 13.00 30.36 -7.46
N TYR C 122 12.40 29.49 -8.27
CA TYR C 122 10.99 29.17 -8.17
C TYR C 122 10.79 27.67 -8.06
N VAL C 123 9.73 27.27 -7.38
CA VAL C 123 9.36 25.86 -7.22
C VAL C 123 7.87 25.74 -7.48
N ALA C 124 7.50 24.89 -8.44
CA ALA C 124 6.10 24.69 -8.80
C ALA C 124 5.59 23.37 -8.25
N CYS C 125 4.30 23.33 -7.91
CA CYS C 125 3.69 22.12 -7.39
C CYS C 125 2.18 22.17 -7.65
N GLY C 126 1.63 21.05 -8.12
CA GLY C 126 0.21 20.97 -8.41
C GLY C 126 -0.32 19.59 -8.07
N GLY C 127 -1.62 19.41 -8.33
CA GLY C 127 -2.26 18.15 -8.04
C GLY C 127 -3.76 18.12 -8.29
N LEU C 128 -4.52 17.60 -7.34
CA LEU C 128 -5.97 17.47 -7.50
C LEU C 128 -6.67 18.81 -7.53
N ASP C 129 -6.01 19.88 -7.09
CA ASP C 129 -6.61 21.21 -7.08
C ASP C 129 -6.61 21.89 -8.44
N ASN C 130 -6.08 21.22 -9.48
CA ASN C 130 -6.02 21.75 -10.83
C ASN C 130 -5.23 23.05 -10.92
N ILE C 131 -4.38 23.33 -9.94
CA ILE C 131 -3.59 24.54 -9.89
C ILE C 131 -2.17 24.17 -9.49
N CYS C 132 -1.20 24.45 -10.36
CA CYS C 132 0.21 24.24 -10.07
C CYS C 132 0.78 25.56 -9.57
N SER C 133 0.65 25.81 -8.27
CA SER C 133 1.14 27.04 -7.68
C SER C 133 2.66 27.07 -7.70
N ILE C 134 3.21 28.26 -7.96
CA ILE C 134 4.65 28.49 -7.99
C ILE C 134 5.01 29.38 -6.81
N TYR C 135 6.00 28.95 -6.04
CA TYR C 135 6.48 29.69 -4.88
C TYR C 135 7.91 30.13 -5.10
N ASN C 136 8.26 31.29 -4.53
CA ASN C 136 9.58 31.87 -4.66
C ASN C 136 10.43 31.49 -3.45
N LEU C 137 11.71 31.21 -3.70
CA LEU C 137 12.64 30.82 -2.65
C LEU C 137 13.51 31.96 -2.14
N LYS C 138 13.81 32.94 -2.99
CA LYS C 138 14.67 34.07 -2.62
C LYS C 138 13.87 35.32 -2.27
N THR C 139 12.70 35.15 -1.67
CA THR C 139 11.90 36.30 -1.28
C THR C 139 12.54 37.02 -0.08
N ARG C 140 12.28 38.33 -0.01
CA ARG C 140 12.84 39.16 1.05
C ARG C 140 11.97 39.18 2.30
N GLU C 141 10.82 38.52 2.29
CA GLU C 141 9.92 38.50 3.44
C GLU C 141 10.38 37.54 4.53
N GLY C 142 11.47 36.81 4.31
CA GLY C 142 11.96 35.86 5.30
C GLY C 142 11.27 34.52 5.31
N ASN C 143 10.10 34.39 4.70
CA ASN C 143 9.38 33.14 4.66
C ASN C 143 8.79 32.95 3.26
N VAL C 144 8.70 31.69 2.84
CA VAL C 144 8.17 31.37 1.51
C VAL C 144 6.68 31.65 1.49
N ARG C 145 6.24 32.42 0.49
CA ARG C 145 4.84 32.78 0.34
C ARG C 145 4.39 32.42 -1.07
N VAL C 146 3.09 32.57 -1.31
CA VAL C 146 2.51 32.26 -2.62
C VAL C 146 2.99 33.31 -3.62
N SER C 147 3.71 32.86 -4.65
CA SER C 147 4.23 33.77 -5.67
C SER C 147 3.31 33.88 -6.88
N ARG C 148 2.79 32.75 -7.36
CA ARG C 148 1.90 32.78 -8.52
C ARG C 148 0.99 31.56 -8.48
N GLU C 149 -0.24 31.73 -9.00
CA GLU C 149 -1.22 30.66 -9.08
C GLU C 149 -1.74 30.59 -10.51
N LEU C 150 -1.85 29.36 -11.03
CA LEU C 150 -2.30 29.12 -12.40
C LEU C 150 -3.57 28.27 -12.33
N ALA C 151 -4.72 28.91 -12.55
CA ALA C 151 -6.01 28.23 -12.53
C ALA C 151 -6.64 28.28 -13.91
N GLY C 152 -7.50 27.30 -14.19
CA GLY C 152 -8.19 27.24 -15.46
C GLY C 152 -8.32 25.83 -16.00
N HIS C 153 -7.59 24.89 -15.42
CA HIS C 153 -7.64 23.50 -15.87
C HIS C 153 -8.88 22.81 -15.31
N THR C 154 -9.43 21.88 -16.10
CA THR C 154 -10.60 21.11 -15.72
C THR C 154 -10.25 19.68 -15.32
N GLY C 155 -9.02 19.46 -14.84
CA GLY C 155 -8.61 18.14 -14.42
C GLY C 155 -7.36 18.22 -13.57
N TYR C 156 -7.09 17.12 -12.87
CA TYR C 156 -5.93 17.07 -12.00
C TYR C 156 -4.64 17.11 -12.81
N LEU C 157 -3.65 17.85 -12.30
CA LEU C 157 -2.38 18.03 -12.99
C LEU C 157 -1.46 16.86 -12.64
N SER C 158 -0.99 16.15 -13.67
CA SER C 158 -0.11 15.01 -13.45
C SER C 158 1.36 15.37 -13.58
N CYS C 159 1.71 16.30 -14.47
CA CYS C 159 3.09 16.70 -14.68
C CYS C 159 3.15 18.21 -14.85
N CYS C 160 3.83 18.89 -13.93
CA CYS C 160 4.01 20.34 -13.97
C CYS C 160 5.51 20.62 -13.86
N ARG C 161 6.10 21.13 -14.93
CA ARG C 161 7.54 21.35 -14.99
C ARG C 161 7.83 22.76 -15.49
N PHE C 162 9.08 23.17 -15.30
CA PHE C 162 9.55 24.46 -15.80
C PHE C 162 10.20 24.28 -17.17
N LEU C 163 9.74 25.05 -18.15
CA LEU C 163 10.33 25.01 -19.48
C LEU C 163 11.47 26.01 -19.63
N ASP C 164 11.37 27.16 -18.98
CA ASP C 164 12.40 28.19 -19.00
C ASP C 164 12.21 29.08 -17.78
N ASP C 165 12.92 30.19 -17.74
CA ASP C 165 12.81 31.15 -16.64
C ASP C 165 11.53 31.97 -16.71
N ASN C 166 10.74 31.83 -17.76
CA ASN C 166 9.51 32.60 -17.92
C ASN C 166 8.31 31.78 -18.37
N GLN C 167 8.49 30.51 -18.71
CA GLN C 167 7.41 29.65 -19.15
C GLN C 167 7.33 28.41 -18.26
N ILE C 168 6.15 27.81 -18.21
CA ILE C 168 5.91 26.64 -17.37
C ILE C 168 4.94 25.71 -18.09
N VAL C 169 5.30 24.43 -18.20
CA VAL C 169 4.50 23.44 -18.90
C VAL C 169 3.70 22.64 -17.89
N THR C 170 2.43 22.37 -18.21
CA THR C 170 1.56 21.57 -17.36
C THR C 170 0.76 20.61 -18.22
N SER C 171 0.44 19.45 -17.64
CA SER C 171 -0.39 18.44 -18.29
C SER C 171 -1.66 18.30 -17.47
N SER C 172 -2.79 18.77 -18.00
CA SER C 172 -4.03 18.78 -17.26
C SER C 172 -4.74 17.43 -17.38
N GLY C 173 -5.77 17.26 -16.55
CA GLY C 173 -6.52 16.03 -16.51
C GLY C 173 -7.55 15.85 -17.61
N ASP C 174 -7.75 16.87 -18.44
CA ASP C 174 -8.68 16.81 -19.56
C ASP C 174 -8.00 16.44 -20.86
N THR C 175 -6.94 15.63 -20.79
CA THR C 175 -6.20 15.14 -21.96
C THR C 175 -5.62 16.30 -22.78
N THR C 176 -5.15 17.33 -22.08
CA THR C 176 -4.59 18.51 -22.73
C THR C 176 -3.30 18.91 -22.04
N CYS C 177 -2.50 19.70 -22.75
CA CYS C 177 -1.28 20.29 -22.23
C CYS C 177 -1.33 21.80 -22.39
N ALA C 178 -0.72 22.52 -21.46
CA ALA C 178 -0.78 23.98 -21.46
C ALA C 178 0.57 24.56 -21.06
N LEU C 179 1.09 25.44 -21.90
CA LEU C 179 2.30 26.20 -21.62
C LEU C 179 1.88 27.61 -21.18
N TRP C 180 2.07 27.90 -19.91
CA TRP C 180 1.71 29.18 -19.31
C TRP C 180 2.93 30.09 -19.24
N ASP C 181 2.66 31.39 -19.27
CA ASP C 181 3.69 32.43 -19.11
C ASP C 181 3.67 32.93 -17.67
N ILE C 182 4.84 32.92 -17.03
CA ILE C 182 4.91 33.30 -15.62
C ILE C 182 4.61 34.78 -15.44
N GLU C 183 4.93 35.61 -16.42
CA GLU C 183 4.74 37.05 -16.28
C GLU C 183 3.26 37.41 -16.25
N THR C 184 2.49 36.95 -17.22
CA THR C 184 1.08 37.30 -17.30
C THR C 184 0.16 36.29 -16.61
N GLY C 185 0.60 35.03 -16.48
CA GLY C 185 -0.22 34.03 -15.83
C GLY C 185 -1.45 33.62 -16.61
N GLN C 186 -1.35 33.54 -17.94
CA GLN C 186 -2.45 33.17 -18.79
C GLN C 186 -2.02 32.04 -19.72
N GLN C 187 -3.01 31.43 -20.37
CA GLN C 187 -2.75 30.31 -21.28
C GLN C 187 -2.05 30.85 -22.53
N THR C 188 -0.74 30.62 -22.63
CA THR C 188 0.04 31.08 -23.76
C THR C 188 -0.01 30.10 -24.92
N THR C 189 0.17 28.81 -24.65
CA THR C 189 0.14 27.79 -25.69
C THR C 189 -0.70 26.61 -25.22
N THR C 190 -1.45 26.03 -26.15
CA THR C 190 -2.31 24.89 -25.86
C THR C 190 -1.92 23.71 -26.73
N PHE C 191 -2.18 22.50 -26.23
CA PHE C 191 -1.91 21.26 -26.94
C PHE C 191 -3.08 20.32 -26.70
N THR C 192 -3.88 20.07 -27.73
CA THR C 192 -5.02 19.18 -27.65
C THR C 192 -4.90 18.08 -28.70
N GLY C 193 -5.54 16.94 -28.42
CA GLY C 193 -5.51 15.83 -29.34
C GLY C 193 -5.39 14.49 -28.64
N HIS C 194 -5.01 14.51 -27.36
CA HIS C 194 -4.87 13.27 -26.61
C HIS C 194 -6.24 12.66 -26.30
N THR C 195 -6.31 11.34 -26.35
CA THR C 195 -7.53 10.62 -26.01
C THR C 195 -7.55 10.11 -24.57
N GLY C 196 -6.38 9.82 -24.00
CA GLY C 196 -6.27 9.37 -22.64
C GLY C 196 -5.69 10.45 -21.73
N ASP C 197 -5.80 10.20 -20.43
CA ASP C 197 -5.32 11.15 -19.43
C ASP C 197 -3.79 11.16 -19.42
N VAL C 198 -3.20 12.33 -19.68
CA VAL C 198 -1.75 12.45 -19.68
C VAL C 198 -1.23 12.23 -18.27
N MET C 199 -0.21 11.39 -18.15
CA MET C 199 0.35 11.02 -16.85
C MET C 199 1.75 11.58 -16.60
N SER C 200 2.57 11.71 -17.63
CA SER C 200 3.93 12.19 -17.45
C SER C 200 4.39 12.90 -18.72
N LEU C 201 5.35 13.80 -18.55
CA LEU C 201 5.90 14.56 -19.66
C LEU C 201 7.39 14.80 -19.40
N SER C 202 8.19 14.65 -20.44
CA SER C 202 9.64 14.81 -20.35
C SER C 202 10.10 15.86 -21.36
N LEU C 203 10.85 16.84 -20.87
CA LEU C 203 11.36 17.91 -21.73
C LEU C 203 12.70 17.52 -22.34
N ALA C 204 12.95 18.07 -23.52
CA ALA C 204 14.21 17.83 -24.22
C ALA C 204 15.30 18.76 -23.71
N PRO C 205 16.58 18.36 -23.83
CA PRO C 205 17.66 19.22 -23.35
C PRO C 205 17.72 20.58 -24.05
N ASP C 206 17.32 20.66 -25.31
CA ASP C 206 17.37 21.91 -26.04
C ASP C 206 16.12 22.77 -25.85
N THR C 207 15.16 22.30 -25.04
CA THR C 207 13.92 23.04 -24.75
C THR C 207 13.18 23.41 -26.02
N ARG C 208 13.15 22.50 -26.98
CA ARG C 208 12.46 22.69 -28.24
C ARG C 208 11.31 21.73 -28.48
N LEU C 209 11.43 20.47 -28.04
CA LEU C 209 10.40 19.48 -28.20
C LEU C 209 10.15 18.79 -26.86
N PHE C 210 9.03 18.08 -26.77
CA PHE C 210 8.74 17.32 -25.56
C PHE C 210 7.76 16.20 -25.88
N VAL C 211 8.01 15.03 -25.30
CA VAL C 211 7.15 13.86 -25.48
C VAL C 211 6.24 13.73 -24.27
N SER C 212 5.00 13.33 -24.51
CA SER C 212 4.00 13.18 -23.45
C SER C 212 3.27 11.87 -23.63
N GLY C 213 3.06 11.16 -22.51
CA GLY C 213 2.37 9.89 -22.50
C GLY C 213 1.04 10.02 -21.77
N ALA C 214 0.00 9.41 -22.35
CA ALA C 214 -1.35 9.49 -21.81
C ALA C 214 -1.86 8.09 -21.51
N CYS C 215 -3.09 8.02 -21.01
CA CYS C 215 -3.72 6.74 -20.68
C CYS C 215 -4.39 6.15 -21.91
N ASP C 216 -3.65 6.05 -23.01
CA ASP C 216 -4.18 5.46 -24.24
C ASP C 216 -3.16 4.55 -24.92
N ALA C 217 -2.13 4.13 -24.21
CA ALA C 217 -1.06 3.26 -24.75
C ALA C 217 -0.41 3.91 -25.97
N SER C 218 -0.06 5.18 -25.84
CA SER C 218 0.58 5.91 -26.93
C SER C 218 1.23 7.18 -26.37
N ALA C 219 2.34 7.56 -26.98
CA ALA C 219 3.06 8.78 -26.66
C ALA C 219 3.09 9.69 -27.86
N LYS C 220 3.08 11.01 -27.60
CA LYS C 220 3.01 12.01 -28.66
C LYS C 220 4.09 13.06 -28.45
N LEU C 221 4.73 13.47 -29.54
CA LEU C 221 5.75 14.52 -29.51
C LEU C 221 5.13 15.85 -29.90
N TRP C 222 5.46 16.89 -29.15
CA TRP C 222 4.93 18.22 -29.39
C TRP C 222 6.07 19.24 -29.39
N ASP C 223 5.87 20.32 -30.14
CA ASP C 223 6.84 21.39 -30.28
C ASP C 223 6.44 22.56 -29.38
N VAL C 224 7.45 23.23 -28.82
CA VAL C 224 7.19 24.36 -27.93
C VAL C 224 6.84 25.62 -28.72
N ARG C 225 7.14 25.67 -30.01
CA ARG C 225 6.87 26.84 -30.84
C ARG C 225 5.81 26.61 -31.90
N GLU C 226 5.71 25.41 -32.44
CA GLU C 226 4.72 25.13 -33.48
C GLU C 226 3.34 24.87 -32.89
N GLY C 227 3.29 24.18 -31.76
CA GLY C 227 2.02 23.88 -31.12
C GLY C 227 1.20 22.80 -31.80
N MET C 228 1.87 21.74 -32.27
CA MET C 228 1.18 20.65 -32.94
C MET C 228 1.95 19.36 -32.72
N CYS C 229 1.27 18.24 -32.92
CA CYS C 229 1.87 16.92 -32.76
C CYS C 229 2.37 16.42 -34.12
N ARG C 230 3.59 15.90 -34.14
CA ARG C 230 4.20 15.42 -35.37
C ARG C 230 4.48 13.92 -35.37
N GLN C 231 4.78 13.33 -34.22
CA GLN C 231 5.12 11.92 -34.14
C GLN C 231 4.36 11.28 -32.99
N THR C 232 3.54 10.28 -33.30
CA THR C 232 2.78 9.53 -32.31
C THR C 232 3.14 8.07 -32.41
N PHE C 233 3.55 7.47 -31.30
CA PHE C 233 3.96 6.08 -31.25
C PHE C 233 3.11 5.35 -30.20
N THR C 234 2.37 4.34 -30.63
CA THR C 234 1.55 3.59 -29.68
C THR C 234 2.42 2.64 -28.85
N GLY C 235 2.98 1.62 -29.49
CA GLY C 235 3.99 0.80 -28.85
C GLY C 235 3.49 -0.11 -27.75
N HIS C 236 2.89 0.46 -26.71
CA HIS C 236 2.54 -0.27 -25.51
C HIS C 236 1.15 -0.87 -25.62
N GLU C 237 0.67 -1.47 -24.53
CA GLU C 237 -0.64 -2.09 -24.46
C GLU C 237 -1.52 -1.54 -23.34
N SER C 238 -0.95 -0.85 -22.36
CA SER C 238 -1.73 -0.31 -21.25
C SER C 238 -1.43 1.16 -21.05
N ASP C 239 -1.95 1.74 -19.97
CA ASP C 239 -1.76 3.17 -19.72
C ASP C 239 -0.30 3.46 -19.38
N ILE C 240 0.28 4.45 -20.05
CA ILE C 240 1.65 4.85 -19.78
C ILE C 240 1.70 5.64 -18.49
N ASN C 241 2.59 5.25 -17.58
CA ASN C 241 2.71 5.87 -16.27
C ASN C 241 3.86 6.86 -16.17
N ALA C 242 5.04 6.52 -16.69
CA ALA C 242 6.20 7.38 -16.61
C ALA C 242 6.84 7.49 -17.98
N ILE C 243 7.71 8.49 -18.12
CA ILE C 243 8.38 8.75 -19.40
C ILE C 243 9.67 9.51 -19.08
N CYS C 244 10.65 9.35 -19.96
CA CYS C 244 11.94 10.03 -19.81
C CYS C 244 12.59 10.18 -21.18
N PHE C 245 13.29 11.29 -21.36
CA PHE C 245 13.95 11.59 -22.62
C PHE C 245 15.41 11.16 -22.58
N PHE C 246 15.91 10.68 -23.72
CA PHE C 246 17.30 10.26 -23.79
C PHE C 246 18.22 11.48 -23.79
N PRO C 247 19.37 11.41 -23.13
CA PRO C 247 20.27 12.58 -23.10
C PRO C 247 20.77 13.03 -24.47
N ASN C 248 20.69 12.19 -25.50
CA ASN C 248 21.16 12.59 -26.82
C ASN C 248 20.19 13.57 -27.49
N GLY C 249 18.94 13.60 -27.07
CA GLY C 249 17.96 14.48 -27.67
C GLY C 249 17.23 13.93 -28.87
N ASN C 250 17.24 12.60 -29.06
CA ASN C 250 16.59 11.99 -30.21
C ASN C 250 15.75 10.77 -29.87
N ALA C 251 15.77 10.28 -28.63
CA ALA C 251 15.04 9.08 -28.26
C ALA C 251 14.39 9.29 -26.89
N PHE C 252 13.53 8.35 -26.53
CA PHE C 252 12.84 8.41 -25.24
C PHE C 252 12.28 7.04 -24.91
N ALA C 253 12.28 6.72 -23.61
CA ALA C 253 11.76 5.45 -23.12
C ALA C 253 10.43 5.69 -22.41
N THR C 254 9.52 4.73 -22.56
CA THR C 254 8.20 4.80 -21.96
C THR C 254 7.89 3.51 -21.23
N GLY C 255 7.09 3.62 -20.17
CA GLY C 255 6.68 2.47 -19.38
C GLY C 255 5.21 2.49 -19.06
N SER C 256 4.56 1.32 -19.11
CA SER C 256 3.13 1.20 -18.86
C SER C 256 2.89 0.14 -17.78
N ASP C 257 1.62 -0.15 -17.54
CA ASP C 257 1.24 -1.14 -16.54
C ASP C 257 1.50 -2.57 -17.00
N ASP C 258 1.81 -2.78 -18.27
CA ASP C 258 2.06 -4.10 -18.81
C ASP C 258 3.46 -4.63 -18.49
N ALA C 259 4.20 -3.95 -17.60
CA ALA C 259 5.52 -4.39 -17.16
C ALA C 259 6.51 -4.51 -18.32
N THR C 260 6.32 -3.70 -19.36
CA THR C 260 7.21 -3.70 -20.52
C THR C 260 7.60 -2.26 -20.83
N CYS C 261 8.91 -1.98 -20.80
CA CYS C 261 9.42 -0.68 -21.19
C CYS C 261 9.78 -0.71 -22.67
N ARG C 262 9.57 0.41 -23.35
CA ARG C 262 9.79 0.49 -24.79
C ARG C 262 10.53 1.77 -25.14
N LEU C 263 11.55 1.65 -25.98
CA LEU C 263 12.34 2.80 -26.42
C LEU C 263 11.93 3.19 -27.82
N PHE C 264 11.72 4.49 -28.05
CA PHE C 264 11.31 5.02 -29.34
C PHE C 264 12.25 6.15 -29.73
N ASP C 265 12.72 6.11 -30.98
CA ASP C 265 13.61 7.13 -31.52
C ASP C 265 12.82 8.11 -32.38
N LEU C 266 13.12 9.39 -32.23
CA LEU C 266 12.45 10.41 -33.02
C LEU C 266 12.91 10.36 -34.48
N ARG C 267 14.21 10.13 -34.70
CA ARG C 267 14.73 10.09 -36.06
C ARG C 267 14.35 8.80 -36.77
N ALA C 268 14.39 7.67 -36.06
CA ALA C 268 14.04 6.39 -36.68
C ALA C 268 12.54 6.23 -36.83
N ASP C 269 11.75 6.86 -35.95
CA ASP C 269 10.28 6.81 -36.00
C ASP C 269 9.78 5.37 -35.90
N GLN C 270 10.34 4.63 -34.95
CA GLN C 270 9.97 3.24 -34.73
C GLN C 270 10.51 2.81 -33.37
N GLU C 271 9.90 1.77 -32.81
CA GLU C 271 10.33 1.23 -31.53
C GLU C 271 11.73 0.65 -31.64
N LEU C 272 12.58 0.96 -30.66
CA LEU C 272 13.97 0.51 -30.68
C LEU C 272 14.17 -0.79 -29.92
N MET C 273 13.85 -0.81 -28.63
CA MET C 273 14.11 -1.97 -27.79
C MET C 273 13.01 -2.11 -26.75
N THR C 274 12.68 -3.36 -26.42
CA THR C 274 11.65 -3.68 -25.45
C THR C 274 12.27 -4.43 -24.28
N TYR C 275 12.03 -3.95 -23.07
CA TYR C 275 12.52 -4.56 -21.84
C TYR C 275 11.34 -5.20 -21.12
N SER C 276 11.44 -6.50 -20.86
CA SER C 276 10.38 -7.24 -20.19
C SER C 276 10.97 -8.52 -19.61
N HIS C 277 10.19 -9.15 -18.74
CA HIS C 277 10.60 -10.40 -18.13
C HIS C 277 9.35 -11.15 -17.66
N ASP C 278 9.47 -12.48 -17.59
CA ASP C 278 8.32 -13.30 -17.22
C ASP C 278 8.00 -13.19 -15.73
N ASN C 279 9.00 -12.90 -14.90
CA ASN C 279 8.77 -12.80 -13.46
C ASN C 279 8.12 -11.48 -13.07
N ILE C 280 8.30 -10.44 -13.86
CA ILE C 280 7.74 -9.12 -13.57
C ILE C 280 6.38 -9.02 -14.26
N ILE C 281 5.35 -8.71 -13.48
CA ILE C 281 4.00 -8.56 -13.99
C ILE C 281 3.44 -7.22 -13.58
N CYS C 282 4.13 -6.54 -12.66
CA CYS C 282 3.70 -5.25 -12.15
C CYS C 282 4.26 -4.12 -13.02
N GLY C 283 3.48 -3.06 -13.15
CA GLY C 283 3.83 -1.95 -14.01
C GLY C 283 4.96 -1.10 -13.47
N ILE C 284 5.38 -0.14 -14.28
CA ILE C 284 6.46 0.78 -13.96
C ILE C 284 5.86 2.05 -13.38
N THR C 285 6.44 2.54 -12.29
CA THR C 285 5.99 3.78 -11.66
C THR C 285 6.85 4.98 -12.01
N SER C 286 8.16 4.79 -12.20
CA SER C 286 9.06 5.88 -12.52
C SER C 286 10.20 5.34 -13.38
N VAL C 287 10.70 6.18 -14.27
CA VAL C 287 11.78 5.80 -15.18
C VAL C 287 12.65 7.02 -15.43
N SER C 288 13.95 6.80 -15.56
CA SER C 288 14.90 7.88 -15.79
C SER C 288 16.20 7.29 -16.32
N PHE C 289 16.82 7.99 -17.27
CA PHE C 289 18.09 7.58 -17.84
C PHE C 289 19.25 8.07 -16.98
N SER C 290 20.44 7.59 -17.31
CA SER C 290 21.66 8.02 -16.64
C SER C 290 22.27 9.19 -17.41
N LYS C 291 23.52 9.54 -17.09
CA LYS C 291 24.18 10.63 -17.79
C LYS C 291 24.53 10.23 -19.22
N SER C 292 24.97 9.00 -19.41
CA SER C 292 25.32 8.51 -20.74
C SER C 292 24.13 7.86 -21.46
N GLY C 293 23.15 7.36 -20.72
CA GLY C 293 21.99 6.73 -21.32
C GLY C 293 22.09 5.23 -21.51
N ARG C 294 23.18 4.60 -21.08
CA ARG C 294 23.34 3.17 -21.25
C ARG C 294 22.53 2.39 -20.23
N LEU C 295 22.45 2.88 -18.99
CA LEU C 295 21.70 2.25 -17.92
C LEU C 295 20.35 2.93 -17.78
N LEU C 296 19.28 2.14 -17.81
CA LEU C 296 17.91 2.64 -17.68
C LEU C 296 17.30 2.08 -16.41
N LEU C 297 16.93 2.95 -15.49
CA LEU C 297 16.36 2.57 -14.21
C LEU C 297 14.84 2.68 -14.26
N ALA C 298 14.16 1.69 -13.70
CA ALA C 298 12.70 1.70 -13.65
C ALA C 298 12.23 1.01 -12.39
N GLY C 299 11.46 1.70 -11.56
CA GLY C 299 10.91 1.12 -10.35
C GLY C 299 9.55 0.50 -10.61
N TYR C 300 9.29 -0.61 -9.95
CA TYR C 300 8.05 -1.36 -10.14
C TYR C 300 7.23 -1.36 -8.86
N ASP C 301 6.06 -2.01 -8.92
CA ASP C 301 5.15 -2.09 -7.79
C ASP C 301 5.57 -3.11 -6.75
N ASP C 302 6.66 -3.83 -6.97
CA ASP C 302 7.17 -4.83 -6.03
C ASP C 302 8.32 -4.28 -5.18
N PHE C 303 8.22 -2.99 -4.83
CA PHE C 303 9.19 -2.27 -4.01
C PHE C 303 10.63 -2.59 -4.39
N ASN C 304 10.92 -2.41 -5.69
CA ASN C 304 12.30 -2.53 -6.17
C ASN C 304 12.41 -1.87 -7.54
N CYS C 305 13.62 -1.46 -7.86
CA CYS C 305 13.95 -0.80 -9.11
C CYS C 305 14.94 -1.65 -9.89
N ASN C 306 14.60 -1.96 -11.14
CA ASN C 306 15.46 -2.71 -12.04
C ASN C 306 16.19 -1.76 -12.97
N VAL C 307 17.50 -1.96 -13.10
CA VAL C 307 18.35 -1.19 -14.00
C VAL C 307 18.76 -2.12 -15.14
N TRP C 308 18.33 -1.78 -16.35
CA TRP C 308 18.59 -2.56 -17.55
C TRP C 308 19.61 -1.85 -18.41
N ASP C 309 20.16 -2.60 -19.37
CA ASP C 309 21.10 -2.06 -20.34
C ASP C 309 20.35 -1.63 -21.59
N ALA C 310 20.68 -0.45 -22.10
CA ALA C 310 20.01 0.09 -23.28
C ALA C 310 20.48 -0.54 -24.59
N LEU C 311 21.40 -1.49 -24.54
CA LEU C 311 21.91 -2.14 -25.74
C LEU C 311 21.79 -3.66 -25.72
N LYS C 312 21.68 -4.29 -24.56
CA LYS C 312 21.59 -5.74 -24.46
C LYS C 312 20.24 -6.24 -23.95
N ALA C 313 19.43 -5.35 -23.35
CA ALA C 313 18.11 -5.70 -22.83
C ALA C 313 18.19 -6.81 -21.77
N ASP C 314 19.30 -6.86 -21.03
CA ASP C 314 19.50 -7.84 -19.98
C ASP C 314 19.42 -7.17 -18.61
N ARG C 315 19.06 -7.96 -17.61
CA ARG C 315 18.96 -7.46 -16.24
C ARG C 315 20.36 -7.14 -15.72
N ALA C 316 20.67 -5.84 -15.64
CA ALA C 316 21.98 -5.41 -15.18
C ALA C 316 22.05 -5.27 -13.66
N GLY C 317 21.00 -4.75 -13.04
CA GLY C 317 21.01 -4.58 -11.59
C GLY C 317 19.62 -4.54 -11.02
N VAL C 318 19.53 -4.88 -9.73
CA VAL C 318 18.27 -4.83 -8.98
C VAL C 318 18.55 -4.14 -7.65
N LEU C 319 17.75 -3.14 -7.32
CA LEU C 319 17.86 -2.39 -6.07
C LEU C 319 16.56 -2.55 -5.31
N ALA C 320 16.61 -3.25 -4.17
CA ALA C 320 15.44 -3.50 -3.34
C ALA C 320 15.74 -3.04 -1.92
N GLY C 321 15.25 -1.86 -1.56
CA GLY C 321 15.46 -1.33 -0.22
C GLY C 321 14.24 -0.63 0.32
N HIS C 322 13.12 -0.72 -0.38
CA HIS C 322 11.89 -0.09 0.01
C HIS C 322 10.89 -1.14 0.48
N ASP C 323 9.97 -0.71 1.34
CA ASP C 323 8.95 -1.61 1.90
C ASP C 323 7.58 -1.44 1.27
N ASN C 324 7.33 -0.33 0.58
CA ASN C 324 6.04 -0.06 -0.04
C ASN C 324 6.27 0.29 -1.51
N ARG C 325 5.19 0.63 -2.21
CA ARG C 325 5.26 0.92 -3.63
C ARG C 325 6.14 2.13 -3.90
N VAL C 326 7.09 1.97 -4.81
CA VAL C 326 7.95 3.09 -5.22
C VAL C 326 7.12 4.08 -6.02
N SER C 327 7.29 5.37 -5.72
CA SER C 327 6.49 6.43 -6.34
C SER C 327 7.29 7.31 -7.29
N CYS C 328 8.55 7.60 -6.98
CA CYS C 328 9.33 8.52 -7.79
C CYS C 328 10.79 8.10 -7.81
N LEU C 329 11.45 8.38 -8.93
CA LEU C 329 12.87 8.11 -9.11
C LEU C 329 13.49 9.26 -9.88
N GLY C 330 14.70 9.66 -9.48
CA GLY C 330 15.37 10.77 -10.12
C GLY C 330 16.86 10.63 -10.21
N VAL C 331 17.42 10.85 -11.40
CA VAL C 331 18.86 10.79 -11.64
C VAL C 331 19.39 12.21 -11.74
N THR C 332 20.51 12.48 -11.08
CA THR C 332 21.09 13.81 -11.09
C THR C 332 21.63 14.15 -12.47
N ASP C 333 21.95 15.44 -12.65
CA ASP C 333 22.46 15.90 -13.93
C ASP C 333 23.84 15.33 -14.24
N ASP C 334 24.62 14.99 -13.22
CA ASP C 334 25.93 14.40 -13.41
C ASP C 334 25.94 12.89 -13.24
N GLY C 335 24.84 12.29 -12.80
CA GLY C 335 24.75 10.85 -12.68
C GLY C 335 25.54 10.26 -11.53
N MET C 336 25.90 11.06 -10.54
CA MET C 336 26.67 10.56 -9.40
C MET C 336 25.80 9.88 -8.35
N ALA C 337 24.48 10.03 -8.42
CA ALA C 337 23.59 9.42 -7.45
C ALA C 337 22.19 9.37 -8.04
N VAL C 338 21.38 8.46 -7.48
CA VAL C 338 19.99 8.28 -7.91
C VAL C 338 19.12 8.27 -6.66
N ALA C 339 18.12 9.15 -6.63
CA ALA C 339 17.20 9.25 -5.50
C ALA C 339 15.93 8.48 -5.80
N THR C 340 15.43 7.76 -4.79
CA THR C 340 14.21 6.97 -4.92
C THR C 340 13.30 7.29 -3.74
N GLY C 341 12.03 7.57 -4.04
CA GLY C 341 11.05 7.84 -3.00
C GLY C 341 9.80 6.99 -3.14
N SER C 342 9.46 6.26 -2.09
CA SER C 342 8.29 5.40 -2.06
C SER C 342 7.23 6.00 -1.14
N TRP C 343 6.15 5.24 -0.96
CA TRP C 343 5.04 5.67 -0.11
C TRP C 343 5.35 5.51 1.37
N ASP C 344 6.52 5.01 1.73
CA ASP C 344 6.91 4.85 3.13
C ASP C 344 7.55 6.09 3.72
N SER C 345 7.42 7.24 3.05
CA SER C 345 7.97 8.53 3.51
C SER C 345 9.48 8.46 3.72
N PHE C 346 10.17 7.63 2.93
CA PHE C 346 11.61 7.43 3.05
C PHE C 346 12.26 7.67 1.70
N LEU C 347 13.08 8.72 1.60
CA LEU C 347 13.89 8.96 0.42
C LEU C 347 15.25 8.27 0.60
N LYS C 348 15.68 7.55 -0.42
CA LYS C 348 16.94 6.82 -0.37
C LYS C 348 17.80 7.17 -1.57
N ILE C 349 19.05 7.54 -1.31
CA ILE C 349 20.02 7.88 -2.36
C ILE C 349 20.93 6.69 -2.55
N TRP C 350 21.02 6.20 -3.80
CA TRP C 350 21.85 5.07 -4.14
C TRP C 350 22.94 5.50 -5.11
N ASN C 351 24.08 4.83 -5.03
CA ASN C 351 25.21 5.11 -5.90
C ASN C 351 25.97 3.83 -6.25
N GLN D 23 -0.52 -2.47 -32.18
CA GLN D 23 -1.51 -1.50 -31.72
C GLN D 23 -2.77 -2.20 -31.22
N VAL D 24 -3.28 -1.74 -30.08
CA VAL D 24 -4.49 -2.33 -29.50
C VAL D 24 -5.68 -1.99 -30.38
N GLN D 25 -6.31 -3.02 -30.93
CA GLN D 25 -7.47 -2.84 -31.81
C GLN D 25 -8.45 -4.00 -31.58
N LEU D 26 -9.70 -3.65 -31.29
CA LEU D 26 -10.75 -4.63 -31.06
C LEU D 26 -11.84 -4.41 -32.11
N GLN D 27 -12.17 -5.47 -32.84
CA GLN D 27 -13.20 -5.42 -33.88
C GLN D 27 -14.34 -6.36 -33.52
N GLU D 28 -15.55 -5.83 -33.49
CA GLU D 28 -16.74 -6.60 -33.18
C GLU D 28 -17.58 -6.81 -34.44
N SER D 29 -18.29 -7.93 -34.47
CA SER D 29 -19.13 -8.26 -35.62
C SER D 29 -20.26 -9.16 -35.16
N GLY D 30 -21.28 -9.27 -36.02
CA GLY D 30 -22.45 -10.09 -35.74
C GLY D 30 -23.76 -9.34 -35.69
N GLY D 31 -23.77 -8.02 -35.85
CA GLY D 31 -25.00 -7.27 -35.80
C GLY D 31 -25.83 -7.42 -37.07
N GLY D 32 -27.13 -7.22 -36.91
CA GLY D 32 -28.03 -7.31 -38.03
C GLY D 32 -29.46 -6.99 -37.61
N LEU D 33 -30.35 -6.97 -38.60
CA LEU D 33 -31.76 -6.68 -38.36
C LEU D 33 -32.43 -7.97 -37.86
N VAL D 34 -32.28 -8.20 -36.56
CA VAL D 34 -32.81 -9.40 -35.91
C VAL D 34 -34.23 -9.12 -35.46
N GLN D 35 -35.05 -10.19 -35.39
CA GLN D 35 -36.42 -10.10 -34.92
C GLN D 35 -36.50 -10.38 -33.41
N PRO D 36 -37.48 -9.78 -32.73
CA PRO D 36 -37.62 -10.03 -31.29
C PRO D 36 -37.92 -11.49 -31.00
N GLY D 37 -37.02 -12.12 -30.24
CA GLY D 37 -37.15 -13.52 -29.88
C GLY D 37 -36.12 -14.43 -30.52
N GLY D 38 -35.25 -13.92 -31.38
CA GLY D 38 -34.24 -14.73 -32.03
C GLY D 38 -32.99 -14.87 -31.18
N SER D 39 -31.88 -15.18 -31.86
CA SER D 39 -30.60 -15.37 -31.21
C SER D 39 -29.51 -14.78 -32.09
N LEU D 40 -28.49 -14.21 -31.46
CA LEU D 40 -27.36 -13.59 -32.16
C LEU D 40 -26.06 -14.04 -31.53
N ARG D 41 -25.06 -14.32 -32.38
CA ARG D 41 -23.74 -14.74 -31.95
C ARG D 41 -22.75 -13.65 -32.33
N LEU D 42 -22.53 -12.72 -31.40
CA LEU D 42 -21.57 -11.64 -31.60
C LEU D 42 -20.15 -12.17 -31.36
N SER D 43 -19.22 -11.68 -32.16
CA SER D 43 -17.82 -12.11 -32.09
C SER D 43 -16.92 -10.89 -32.03
N CYS D 44 -16.03 -10.85 -31.04
CA CYS D 44 -15.07 -9.77 -30.88
C CYS D 44 -13.66 -10.33 -30.97
N ALA D 45 -12.85 -9.74 -31.84
CA ALA D 45 -11.46 -10.14 -32.04
C ALA D 45 -10.55 -8.99 -31.67
N ALA D 46 -9.60 -9.25 -30.78
CA ALA D 46 -8.65 -8.25 -30.32
C ALA D 46 -7.25 -8.57 -30.84
N SER D 47 -6.47 -7.52 -31.07
CA SER D 47 -5.11 -7.68 -31.56
C SER D 47 -4.25 -6.55 -31.03
N GLY D 48 -2.95 -6.83 -30.90
CA GLY D 48 -2.00 -5.86 -30.41
C GLY D 48 -1.62 -5.99 -28.96
N PHE D 49 -2.11 -7.01 -28.26
CA PHE D 49 -1.79 -7.20 -26.86
C PHE D 49 -2.06 -8.65 -26.48
N THR D 50 -1.71 -8.99 -25.24
CA THR D 50 -1.93 -10.34 -24.71
C THR D 50 -3.40 -10.48 -24.37
N PHE D 51 -4.16 -11.18 -25.21
CA PHE D 51 -5.59 -11.34 -25.01
C PHE D 51 -5.90 -12.19 -23.78
N SER D 52 -4.97 -13.04 -23.35
CA SER D 52 -5.21 -13.96 -22.24
C SER D 52 -4.74 -13.41 -20.90
N ASN D 53 -4.40 -12.12 -20.83
CA ASN D 53 -3.89 -11.52 -19.60
C ASN D 53 -4.62 -10.23 -19.26
N TYR D 54 -5.88 -10.12 -19.68
CA TYR D 54 -6.67 -8.92 -19.38
C TYR D 54 -8.14 -9.31 -19.22
N LYS D 55 -8.77 -8.77 -18.18
CA LYS D 55 -10.19 -9.00 -17.96
C LYS D 55 -11.02 -8.30 -19.02
N MET D 56 -12.10 -8.95 -19.44
CA MET D 56 -12.95 -8.45 -20.51
C MET D 56 -14.35 -8.13 -19.98
N ASN D 57 -14.97 -7.12 -20.59
CA ASN D 57 -16.29 -6.67 -20.21
C ASN D 57 -17.11 -6.36 -21.46
N TRP D 58 -18.41 -6.60 -21.38
CA TRP D 58 -19.36 -6.25 -22.42
C TRP D 58 -20.44 -5.36 -21.81
N VAL D 59 -20.62 -4.17 -22.41
CA VAL D 59 -21.58 -3.20 -21.94
C VAL D 59 -22.52 -2.84 -23.09
N ARG D 60 -23.63 -2.19 -22.74
CA ARG D 60 -24.62 -1.77 -23.72
C ARG D 60 -24.97 -0.30 -23.51
N GLN D 61 -25.42 0.33 -24.59
CA GLN D 61 -25.83 1.72 -24.56
C GLN D 61 -27.12 1.86 -25.38
N ALA D 62 -28.19 2.32 -24.73
CA ALA D 62 -29.47 2.52 -25.38
C ALA D 62 -29.61 3.96 -25.87
N PRO D 63 -30.37 4.18 -26.95
CA PRO D 63 -30.58 5.55 -27.43
C PRO D 63 -31.27 6.41 -26.38
N GLY D 64 -30.63 7.52 -26.04
CA GLY D 64 -31.14 8.41 -25.02
C GLY D 64 -30.88 7.98 -23.60
N LYS D 65 -29.98 7.02 -23.39
CA LYS D 65 -29.63 6.53 -22.06
C LYS D 65 -28.12 6.46 -21.93
N GLY D 66 -27.66 5.96 -20.79
CA GLY D 66 -26.24 5.84 -20.51
C GLY D 66 -25.74 4.41 -20.65
N LEU D 67 -24.44 4.26 -20.39
CA LEU D 67 -23.81 2.94 -20.47
C LEU D 67 -24.25 2.06 -19.33
N GLU D 68 -24.46 0.77 -19.62
CA GLU D 68 -24.90 -0.20 -18.65
C GLU D 68 -24.02 -1.43 -18.72
N TRP D 69 -23.46 -1.84 -17.58
CA TRP D 69 -22.63 -3.04 -17.52
C TRP D 69 -23.50 -4.27 -17.71
N VAL D 70 -23.12 -5.13 -18.64
CA VAL D 70 -23.87 -6.33 -18.99
C VAL D 70 -23.16 -7.60 -18.51
N SER D 71 -21.95 -7.83 -18.99
CA SER D 71 -21.24 -9.07 -18.70
C SER D 71 -19.78 -8.77 -18.38
N ASP D 72 -19.18 -9.64 -17.57
CA ASP D 72 -17.78 -9.55 -17.20
C ASP D 72 -17.18 -10.95 -17.15
N ILE D 73 -16.00 -11.11 -17.73
CA ILE D 73 -15.31 -12.39 -17.76
C ILE D 73 -13.83 -12.16 -17.47
N SER D 74 -13.25 -13.04 -16.67
CA SER D 74 -11.86 -12.93 -16.26
C SER D 74 -10.95 -13.50 -17.34
N GLN D 75 -9.67 -13.66 -17.02
CA GLN D 75 -8.70 -14.17 -18.00
C GLN D 75 -8.90 -15.66 -18.24
N SER D 76 -8.90 -16.45 -17.17
CA SER D 76 -9.05 -17.91 -17.32
C SER D 76 -10.48 -18.29 -17.66
N GLY D 77 -11.46 -17.50 -17.21
CA GLY D 77 -12.85 -17.79 -17.47
C GLY D 77 -13.62 -18.39 -16.32
N ALA D 78 -12.97 -18.62 -15.18
CA ALA D 78 -13.65 -19.18 -14.02
C ALA D 78 -14.52 -18.15 -13.30
N SER D 79 -14.27 -16.87 -13.51
CA SER D 79 -15.03 -15.79 -12.88
C SER D 79 -15.84 -15.08 -13.95
N ILE D 80 -17.11 -15.43 -14.07
CA ILE D 80 -18.02 -14.84 -15.04
C ILE D 80 -19.20 -14.25 -14.28
N SER D 81 -19.56 -13.02 -14.60
CA SER D 81 -20.64 -12.31 -13.93
C SER D 81 -21.54 -11.63 -14.94
N TYR D 82 -22.83 -11.59 -14.62
CA TYR D 82 -23.84 -10.94 -15.46
C TYR D 82 -24.67 -10.00 -14.58
N THR D 83 -25.50 -9.20 -15.24
CA THR D 83 -26.41 -8.30 -14.55
C THR D 83 -27.73 -9.02 -14.30
N GLY D 84 -28.76 -8.25 -13.89
CA GLY D 84 -30.02 -8.88 -13.52
C GLY D 84 -30.74 -9.52 -14.68
N SER D 85 -30.90 -8.78 -15.79
CA SER D 85 -31.70 -9.23 -16.92
C SER D 85 -30.89 -10.04 -17.93
N VAL D 86 -29.76 -10.61 -17.52
CA VAL D 86 -28.94 -11.40 -18.43
C VAL D 86 -28.70 -12.79 -17.85
N LYS D 87 -28.73 -12.89 -16.51
CA LYS D 87 -28.53 -14.17 -15.84
C LYS D 87 -29.58 -15.18 -16.25
N GLY D 88 -29.16 -16.24 -16.93
CA GLY D 88 -30.06 -17.27 -17.41
C GLY D 88 -30.58 -17.06 -18.83
N ARG D 89 -30.20 -15.97 -19.47
CA ARG D 89 -30.68 -15.66 -20.82
C ARG D 89 -29.55 -15.64 -21.85
N PHE D 90 -28.49 -14.90 -21.59
CA PHE D 90 -27.35 -14.80 -22.50
C PHE D 90 -26.18 -15.61 -21.96
N THR D 91 -25.18 -15.81 -22.82
CA THR D 91 -23.98 -16.52 -22.40
C THR D 91 -22.78 -15.96 -23.15
N ILE D 92 -21.60 -16.11 -22.55
CA ILE D 92 -20.36 -15.59 -23.12
C ILE D 92 -19.29 -16.68 -23.04
N SER D 93 -18.45 -16.75 -24.06
CA SER D 93 -17.35 -17.72 -24.13
C SER D 93 -16.10 -17.01 -24.62
N ARG D 94 -14.96 -17.58 -24.26
CA ARG D 94 -13.66 -16.99 -24.58
C ARG D 94 -12.74 -18.07 -25.14
N ASP D 95 -12.02 -17.73 -26.20
CA ASP D 95 -11.09 -18.65 -26.86
C ASP D 95 -9.71 -17.99 -26.84
N ASN D 96 -8.79 -18.56 -26.07
CA ASN D 96 -7.43 -18.02 -25.96
C ASN D 96 -6.52 -18.51 -27.08
N ALA D 97 -6.84 -19.65 -27.70
CA ALA D 97 -6.01 -20.14 -28.80
C ALA D 97 -6.18 -19.27 -30.04
N LYS D 98 -7.35 -18.68 -30.23
CA LYS D 98 -7.61 -17.78 -31.35
C LYS D 98 -7.83 -16.34 -30.92
N ASN D 99 -7.84 -16.06 -29.61
CA ASN D 99 -8.04 -14.72 -29.06
C ASN D 99 -9.36 -14.12 -29.55
N THR D 100 -10.45 -14.77 -29.17
CA THR D 100 -11.79 -14.35 -29.59
C THR D 100 -12.74 -14.39 -28.40
N LEU D 101 -13.75 -13.53 -28.45
CA LEU D 101 -14.76 -13.45 -27.40
C LEU D 101 -16.13 -13.56 -28.06
N TYR D 102 -16.85 -14.63 -27.77
CA TYR D 102 -18.16 -14.89 -28.36
C TYR D 102 -19.25 -14.58 -27.34
N LEU D 103 -20.37 -14.05 -27.83
CA LEU D 103 -21.51 -13.71 -26.99
C LEU D 103 -22.77 -14.22 -27.68
N GLN D 104 -23.41 -15.23 -27.08
CA GLN D 104 -24.63 -15.81 -27.63
C GLN D 104 -25.82 -15.26 -26.86
N MET D 105 -26.74 -14.61 -27.57
CA MET D 105 -27.91 -13.97 -26.99
C MET D 105 -29.16 -14.65 -27.53
N ASN D 106 -29.93 -15.26 -26.62
CA ASN D 106 -31.17 -15.94 -26.97
C ASN D 106 -32.34 -15.24 -26.30
N SER D 107 -33.53 -15.44 -26.87
CA SER D 107 -34.77 -14.84 -26.38
C SER D 107 -34.64 -13.32 -26.30
N LEU D 108 -34.40 -12.72 -27.47
CA LEU D 108 -34.20 -11.28 -27.54
C LEU D 108 -35.52 -10.55 -27.32
N LYS D 109 -35.48 -9.53 -26.47
CA LYS D 109 -36.64 -8.70 -26.16
C LYS D 109 -36.66 -7.47 -27.05
N PRO D 110 -37.84 -6.88 -27.27
CA PRO D 110 -37.91 -5.66 -28.09
C PRO D 110 -37.12 -4.49 -27.52
N GLU D 111 -36.80 -4.51 -26.23
CA GLU D 111 -36.03 -3.45 -25.60
C GLU D 111 -34.53 -3.68 -25.68
N ASP D 112 -34.08 -4.74 -26.35
CA ASP D 112 -32.66 -5.04 -26.46
C ASP D 112 -31.97 -4.27 -27.58
N THR D 113 -32.69 -3.42 -28.30
CA THR D 113 -32.09 -2.63 -29.38
C THR D 113 -31.14 -1.60 -28.77
N ALA D 114 -29.84 -1.83 -28.92
CA ALA D 114 -28.83 -0.96 -28.34
C ALA D 114 -27.50 -1.20 -29.03
N VAL D 115 -26.52 -0.39 -28.67
CA VAL D 115 -25.16 -0.53 -29.18
C VAL D 115 -24.32 -1.21 -28.11
N TYR D 116 -23.74 -2.36 -28.46
CA TYR D 116 -22.93 -3.14 -27.54
C TYR D 116 -21.45 -2.85 -27.76
N TYR D 117 -20.72 -2.69 -26.66
CA TYR D 117 -19.30 -2.39 -26.68
C TYR D 117 -18.54 -3.43 -25.85
N CYS D 118 -17.32 -3.71 -26.29
CA CYS D 118 -16.43 -4.64 -25.60
C CYS D 118 -15.20 -3.88 -25.13
N ALA D 119 -14.88 -3.99 -23.84
CA ALA D 119 -13.75 -3.29 -23.23
C ALA D 119 -12.85 -4.29 -22.53
N ARG D 120 -11.60 -3.87 -22.33
CA ARG D 120 -10.59 -4.68 -21.67
C ARG D 120 -10.16 -4.02 -20.36
N CYS D 121 -9.50 -4.82 -19.52
CA CYS D 121 -9.02 -4.31 -18.25
C CYS D 121 -7.80 -3.41 -18.48
N PRO D 122 -7.72 -2.27 -17.80
CA PRO D 122 -6.56 -1.37 -18.01
C PRO D 122 -5.26 -1.95 -17.49
N ALA D 123 -5.27 -2.55 -16.30
CA ALA D 123 -4.06 -3.08 -15.69
C ALA D 123 -4.08 -4.59 -15.71
N PRO D 124 -3.00 -5.24 -16.14
CA PRO D 124 -2.99 -6.71 -16.17
C PRO D 124 -2.84 -7.31 -14.78
N PHE D 125 -3.29 -8.55 -14.66
CA PHE D 125 -3.21 -9.33 -13.42
C PHE D 125 -3.91 -8.63 -12.27
N THR D 126 -4.98 -7.90 -12.57
CA THR D 126 -5.75 -7.18 -11.56
C THR D 126 -7.20 -7.65 -11.59
N ARG D 127 -7.85 -7.58 -10.43
CA ARG D 127 -9.25 -7.99 -10.31
C ARG D 127 -10.21 -6.83 -10.53
N ASP D 128 -9.83 -5.62 -10.13
CA ASP D 128 -10.68 -4.47 -10.31
C ASP D 128 -10.72 -4.04 -11.77
N CYS D 129 -11.86 -3.48 -12.18
CA CYS D 129 -12.07 -3.01 -13.55
C CYS D 129 -12.69 -1.61 -13.48
N PHE D 130 -11.84 -0.59 -13.62
CA PHE D 130 -12.30 0.79 -13.59
C PHE D 130 -12.63 1.28 -14.99
N ASP D 131 -13.43 2.34 -15.05
CA ASP D 131 -13.81 3.00 -16.30
C ASP D 131 -14.50 2.05 -17.27
N VAL D 132 -15.27 1.10 -16.74
CA VAL D 132 -16.02 0.19 -17.60
C VAL D 132 -17.18 0.92 -18.27
N THR D 133 -17.69 1.98 -17.64
CA THR D 133 -18.78 2.78 -18.18
C THR D 133 -18.35 4.21 -18.43
N SER D 134 -17.06 4.43 -18.70
CA SER D 134 -16.56 5.76 -18.94
C SER D 134 -17.00 6.27 -20.31
N THR D 135 -17.11 7.59 -20.43
CA THR D 135 -17.53 8.19 -21.69
C THR D 135 -16.47 8.03 -22.77
N THR D 136 -15.23 8.38 -22.44
CA THR D 136 -14.10 8.27 -23.38
C THR D 136 -13.19 7.15 -22.90
N TYR D 137 -13.12 6.07 -23.68
CA TYR D 137 -12.29 4.92 -23.36
C TYR D 137 -11.52 4.53 -24.61
N ALA D 138 -10.20 4.57 -24.54
CA ALA D 138 -9.35 4.31 -25.69
C ALA D 138 -9.12 2.83 -25.96
N TYR D 139 -9.50 1.95 -25.02
CA TYR D 139 -9.31 0.51 -25.16
C TYR D 139 -10.65 -0.20 -25.37
N ARG D 140 -11.54 0.43 -26.12
CA ARG D 140 -12.88 -0.10 -26.35
C ARG D 140 -13.25 0.03 -27.82
N GLY D 141 -13.84 -1.02 -28.38
CA GLY D 141 -14.22 -1.03 -29.78
C GLY D 141 -15.40 -0.11 -30.07
N GLN D 142 -15.76 -0.06 -31.35
CA GLN D 142 -16.85 0.79 -31.80
C GLN D 142 -18.23 0.21 -31.49
N GLY D 143 -18.30 -1.06 -31.10
CA GLY D 143 -19.57 -1.69 -30.77
C GLY D 143 -20.39 -2.02 -32.01
N THR D 144 -21.48 -2.75 -31.78
CA THR D 144 -22.38 -3.16 -32.83
C THR D 144 -23.82 -2.90 -32.42
N GLN D 145 -24.65 -2.58 -33.41
CA GLN D 145 -26.06 -2.29 -33.17
C GLN D 145 -26.88 -3.57 -33.21
N VAL D 146 -27.78 -3.73 -32.24
CA VAL D 146 -28.65 -4.89 -32.16
C VAL D 146 -30.09 -4.38 -32.05
N THR D 147 -30.94 -4.79 -32.98
CA THR D 147 -32.33 -4.37 -32.99
C THR D 147 -33.26 -5.58 -32.81
N SER E 8 -17.45 12.39 -33.16
CA SER E 8 -18.20 13.34 -33.97
C SER E 8 -17.56 13.49 -35.35
N ILE E 9 -18.22 14.28 -36.22
CA ILE E 9 -17.70 14.50 -37.56
C ILE E 9 -16.48 15.43 -37.51
N ALA E 10 -16.55 16.49 -36.70
CA ALA E 10 -15.43 17.41 -36.60
C ALA E 10 -14.20 16.75 -35.98
N GLN E 11 -14.40 15.96 -34.93
CA GLN E 11 -13.27 15.26 -34.32
C GLN E 11 -12.65 14.26 -35.29
N ALA E 12 -13.48 13.54 -36.04
CA ALA E 12 -12.96 12.59 -37.02
C ALA E 12 -12.19 13.31 -38.13
N ARG E 13 -12.71 14.44 -38.59
CA ARG E 13 -11.99 15.20 -39.62
C ARG E 13 -10.66 15.73 -39.09
N LYS E 14 -10.65 16.20 -37.85
CA LYS E 14 -9.40 16.68 -37.26
C LYS E 14 -8.39 15.54 -37.11
N LEU E 15 -8.86 14.36 -36.71
CA LEU E 15 -7.97 13.22 -36.59
C LEU E 15 -7.41 12.79 -37.94
N VAL E 16 -8.25 12.81 -38.98
CA VAL E 16 -7.79 12.46 -40.33
C VAL E 16 -6.76 13.47 -40.81
N GLU E 17 -7.01 14.76 -40.58
CA GLU E 17 -6.06 15.79 -40.98
C GLU E 17 -4.73 15.64 -40.22
N GLN E 18 -4.80 15.32 -38.93
CA GLN E 18 -3.58 15.13 -38.15
C GLN E 18 -2.79 13.92 -38.65
N LEU E 19 -3.49 12.83 -38.99
CA LEU E 19 -2.81 11.65 -39.52
C LEU E 19 -2.17 11.96 -40.88
N LYS E 20 -2.88 12.68 -41.75
CA LYS E 20 -2.32 13.04 -43.05
C LYS E 20 -1.12 13.97 -42.91
N MET E 21 -1.13 14.85 -41.90
CA MET E 21 0.01 15.73 -41.68
C MET E 21 1.19 15.01 -41.06
N GLU E 22 0.93 14.01 -40.22
CA GLU E 22 2.02 13.26 -39.59
C GLU E 22 2.57 12.15 -40.47
N ALA E 23 1.84 11.77 -41.53
CA ALA E 23 2.30 10.74 -42.45
C ALA E 23 3.25 11.26 -43.51
N ASN E 24 3.88 12.41 -43.29
CA ASN E 24 4.82 13.00 -44.25
C ASN E 24 6.20 13.21 -43.63
N ILE E 25 6.46 12.59 -42.47
CA ILE E 25 7.76 12.75 -41.83
C ILE E 25 8.82 11.98 -42.59
N ASP E 26 9.99 12.61 -42.77
CA ASP E 26 11.09 11.99 -43.50
C ASP E 26 11.74 10.93 -42.60
N ARG E 27 11.16 9.74 -42.61
CA ARG E 27 11.64 8.64 -41.80
C ARG E 27 12.88 8.02 -42.42
N ILE E 28 13.84 7.65 -41.57
CA ILE E 28 15.09 7.05 -42.02
C ILE E 28 15.16 5.62 -41.49
N LYS E 29 16.22 4.90 -41.87
CA LYS E 29 16.39 3.52 -41.43
C LYS E 29 16.73 3.46 -39.95
N VAL E 30 16.52 2.28 -39.37
CA VAL E 30 16.79 2.09 -37.94
C VAL E 30 18.27 1.86 -37.67
N SER E 31 19.03 1.37 -38.66
CA SER E 31 20.45 1.09 -38.45
C SER E 31 21.22 2.37 -38.18
N LYS E 32 20.88 3.46 -38.87
CA LYS E 32 21.57 4.73 -38.65
C LYS E 32 21.33 5.24 -37.23
N ALA E 33 20.08 5.20 -36.77
CA ALA E 33 19.77 5.64 -35.42
C ALA E 33 20.44 4.75 -34.39
N ALA E 34 20.49 3.44 -34.64
CA ALA E 34 21.16 2.52 -33.72
C ALA E 34 22.65 2.84 -33.63
N ALA E 35 23.29 3.09 -34.78
CA ALA E 35 24.71 3.43 -34.78
C ALA E 35 24.96 4.76 -34.07
N ASP E 36 24.07 5.74 -34.27
CA ASP E 36 24.22 7.02 -33.60
C ASP E 36 24.08 6.88 -32.09
N LEU E 37 23.10 6.09 -31.63
CA LEU E 37 22.94 5.85 -30.20
C LEU E 37 24.13 5.10 -29.62
N MET E 38 24.66 4.13 -30.36
CA MET E 38 25.83 3.40 -29.88
C MET E 38 27.04 4.31 -29.77
N ALA E 39 27.23 5.20 -30.75
CA ALA E 39 28.35 6.14 -30.68
C ALA E 39 28.17 7.12 -29.54
N TYR E 40 26.94 7.57 -29.30
CA TYR E 40 26.70 8.50 -28.19
C TYR E 40 26.93 7.82 -26.84
N CYS E 41 26.56 6.54 -26.73
CA CYS E 41 26.80 5.83 -25.48
C CYS E 41 28.29 5.52 -25.28
N GLU E 42 29.02 5.25 -26.36
CA GLU E 42 30.44 4.96 -26.23
C GLU E 42 31.26 6.22 -25.98
N ALA E 43 30.80 7.38 -26.47
CA ALA E 43 31.55 8.61 -26.26
C ALA E 43 31.51 9.05 -24.80
N HIS E 44 30.32 9.03 -24.20
CA HIS E 44 30.14 9.43 -22.81
C HIS E 44 30.18 8.25 -21.85
N ALA E 45 30.82 7.14 -22.25
CA ALA E 45 30.87 5.97 -21.38
C ALA E 45 31.77 6.21 -20.17
N LYS E 46 32.90 6.89 -20.38
CA LYS E 46 33.82 7.14 -19.28
C LYS E 46 33.29 8.20 -18.32
N GLU E 47 32.47 9.13 -18.83
CA GLU E 47 31.93 10.20 -18.01
C GLU E 47 30.68 9.80 -17.24
N ASP E 48 30.38 8.50 -17.16
CA ASP E 48 29.19 8.04 -16.45
C ASP E 48 29.61 7.48 -15.10
N PRO E 49 29.22 8.11 -13.99
CA PRO E 49 29.59 7.55 -12.68
C PRO E 49 28.93 6.21 -12.40
N LEU E 50 27.77 5.94 -12.98
CA LEU E 50 27.11 4.65 -12.76
C LEU E 50 27.81 3.53 -13.52
N LEU E 51 28.30 3.83 -14.73
CA LEU E 51 29.00 2.82 -15.50
C LEU E 51 30.42 2.60 -14.97
N THR E 52 31.12 3.68 -14.60
CA THR E 52 32.46 3.59 -14.05
C THR E 52 32.43 4.08 -12.60
N PRO E 53 32.33 3.18 -11.61
CA PRO E 53 32.29 3.61 -10.21
C PRO E 53 33.62 4.22 -9.79
N VAL E 54 33.58 5.49 -9.40
CA VAL E 54 34.77 6.17 -8.92
C VAL E 54 35.06 5.80 -7.47
N PRO E 55 36.33 5.80 -7.06
CA PRO E 55 36.66 5.47 -5.66
C PRO E 55 36.15 6.52 -4.68
N ALA E 56 36.33 6.26 -3.38
CA ALA E 56 35.88 7.18 -2.35
C ALA E 56 36.74 8.42 -2.21
N SER E 57 37.79 8.56 -3.02
CA SER E 57 38.64 9.74 -2.94
C SER E 57 38.05 10.94 -3.67
N GLU E 58 37.14 10.72 -4.61
CA GLU E 58 36.50 11.79 -5.35
C GLU E 58 34.99 11.78 -5.27
N ASN E 59 34.38 10.69 -4.82
CA ASN E 59 32.93 10.61 -4.71
C ASN E 59 32.44 11.50 -3.57
N PRO E 60 31.60 12.50 -3.84
CA PRO E 60 31.09 13.35 -2.75
C PRO E 60 30.09 12.64 -1.85
N PHE E 61 29.40 11.61 -2.35
CA PHE E 61 28.41 10.88 -1.56
C PHE E 61 29.15 9.80 -0.77
N ARG E 62 29.73 10.22 0.35
CA ARG E 62 30.47 9.32 1.23
C ARG E 62 29.85 9.26 2.61
C 004 F 1 15.33 -25.04 45.41
N 004 F 1 15.28 -27.11 46.75
O 004 F 1 16.02 -25.66 44.69
CA 004 F 1 14.95 -25.60 46.79
CB 004 F 1 15.71 -24.85 47.93
CE 004 F 1 17.14 -23.54 49.93
CD1 004 F 1 17.79 -24.45 49.12
CD2 004 F 1 15.80 -23.28 49.75
CG1 004 F 1 17.06 -25.11 48.11
CG2 004 F 1 15.06 -23.93 48.74
N DTR F 2 14.81 -23.76 45.11
CA DTR F 2 15.05 -23.00 43.88
CB DTR F 2 14.32 -21.62 43.94
CG DTR F 2 14.60 -20.72 42.72
CD1 DTR F 2 15.83 -20.53 42.10
NE1 DTR F 2 15.63 -19.68 41.10
CE2 DTR F 2 14.32 -19.31 41.05
CZ2 DTR F 2 13.62 -18.44 40.18
CH2 DTR F 2 12.27 -18.24 40.33
CZ3 DTR F 2 11.58 -18.90 41.36
CE3 DTR F 2 12.27 -19.76 42.22
CD2 DTR F 2 13.65 -19.95 42.05
C DTR F 2 14.54 -23.98 42.68
O DTR F 2 13.51 -24.56 42.77
N LYS F 3 15.36 -24.18 41.48
CA LYS F 3 14.82 -25.09 40.43
C LYS F 3 15.43 -26.45 40.71
O TY5 F 4 13.70 -28.96 42.81
C TY5 F 4 14.85 -29.23 42.94
CA TY5 F 4 15.95 -28.41 42.27
N TY5 F 4 15.33 -27.09 42.05
CB TY5 F 4 17.26 -28.39 43.16
CG TY5 F 4 18.44 -27.92 42.25
CD2 TY5 F 4 18.91 -28.80 41.29
CE2 TY5 F 4 19.96 -28.41 40.48
CZ TY5 F 4 20.49 -27.15 40.60
CE1 TY5 F 4 19.99 -26.26 41.55
CD1 TY5 F 4 18.95 -26.65 42.38
OH TY5 F 4 21.55 -26.77 39.72
C49 TY5 F 4 21.62 -25.39 39.46
C50 TY5 F 4 20.72 -24.95 38.24
C51 TY5 F 4 19.34 -24.74 38.37
C52 TY5 F 4 18.57 -24.34 37.28
C53 TY5 F 4 19.17 -24.13 36.06
C54 TY5 F 4 20.53 -24.33 35.93
C55 TY5 F 4 21.31 -24.73 37.01
N PHE F 5 15.28 -30.37 43.79
CA PHE F 5 14.23 -31.16 44.47
C PHE F 5 13.94 -30.37 45.81
CB A1D5E F 6 16.25 -29.67 48.86
CG A1D5E F 6 16.70 -30.79 48.37
CD A1D5E F 6 16.53 -30.50 46.83
CA A1D5E F 6 14.86 -29.45 48.00
C A1D5E F 6 14.62 -27.90 47.85
C72 A1D5E F 6 16.36 -32.91 49.38
C75 A1D5E F 6 14.55 -32.93 51.18
C76 A1D5E F 6 14.33 -33.36 52.65
N A1D5E F 6 15.01 -30.09 46.83
N74 A1D5E F 6 15.90 -33.29 50.75
N77 A1D5E F 6 14.37 -34.80 52.75
O A1D5E F 6 13.93 -27.36 48.60
O71 A1D5E F 6 15.76 -31.80 48.71
O73 A1D5E F 6 17.23 -33.54 48.84
#